data_3Q34
#
_entry.id   3Q34
#
_cell.length_a   54.647
_cell.length_b   103.357
_cell.length_c   63.193
_cell.angle_alpha   90.00
_cell.angle_beta   109.04
_cell.angle_gamma   90.00
#
_symmetry.space_group_name_H-M   'P 1 21 1'
#
loop_
_entity.id
_entity.type
_entity.pdbx_description
1 polymer 'YceI-like family protein'
2 non-polymer Ubiquinone-8
3 non-polymer GLYCEROL
4 water water
#
_entity_poly.entity_id   1
_entity_poly.type   'polypeptide(L)'
_entity_poly.pdbx_seq_one_letter_code
;(MSE)SLANWYLDNESSRLSFTSTKNADIAEVHRFLVLHGKVDPKGLAEVEVETESISTGIPLRDERLREQVFQVHKFPV
AQINAQLD(MSE)RPINNLAPGAQLELRLPLTVSLRGKSHSYNAELLATRLDERRFQVVTLEPLVIHAQDFD(MSE)VSD
FNALRNAAGLSAVSLSVPVGAVLIFTAREGHHHHHH
;
_entity_poly.pdbx_strand_id   A,B,C,D
#
# COMPACT_ATOMS: atom_id res chain seq x y z
N ALA A 4 -7.95 9.02 -30.55
CA ALA A 4 -7.82 7.66 -30.04
C ALA A 4 -6.68 6.95 -30.73
N ASN A 5 -6.39 5.70 -30.33
CA ASN A 5 -7.07 5.01 -29.22
C ASN A 5 -6.54 5.49 -27.88
N TRP A 6 -7.38 5.34 -26.85
CA TRP A 6 -6.92 5.63 -25.49
C TRP A 6 -6.61 4.34 -24.75
N TYR A 7 -5.50 4.32 -24.04
CA TYR A 7 -5.07 3.11 -23.32
C TYR A 7 -4.90 3.40 -21.86
N LEU A 8 -5.29 2.45 -21.05
CA LEU A 8 -5.16 2.61 -19.60
CA LEU A 8 -5.16 2.60 -19.60
C LEU A 8 -3.72 2.54 -19.12
N ASP A 9 -3.33 3.47 -18.26
CA ASP A 9 -1.96 3.46 -17.74
C ASP A 9 -2.08 2.81 -16.37
N ASN A 10 -1.68 1.53 -16.31
CA ASN A 10 -1.84 0.79 -15.08
C ASN A 10 -1.15 1.44 -13.87
N GLU A 11 0.05 1.98 -14.11
CA GLU A 11 0.86 2.53 -13.05
C GLU A 11 0.20 3.75 -12.40
N SER A 12 -0.80 4.31 -13.06
CA SER A 12 -1.46 5.56 -12.64
C SER A 12 -2.89 5.34 -12.15
N SER A 13 -3.32 4.09 -12.19
CA SER A 13 -4.73 3.75 -11.96
C SER A 13 -4.89 2.82 -10.77
N ARG A 14 -6.08 2.77 -10.22
CA ARG A 14 -6.36 1.83 -9.14
C ARG A 14 -7.82 1.38 -9.14
N LEU A 15 -8.05 0.07 -9.18
CA LEU A 15 -9.41 -0.52 -9.04
C LEU A 15 -9.44 -1.24 -7.70
N SER A 16 -10.39 -0.86 -6.83
CA SER A 16 -10.40 -1.35 -5.47
C SER A 16 -11.81 -1.80 -5.12
N PHE A 17 -11.95 -2.57 -4.03
CA PHE A 17 -13.29 -2.96 -3.60
C PHE A 17 -13.29 -3.22 -2.12
N THR A 18 -14.47 -3.13 -1.50
CA THR A 18 -14.55 -3.30 -0.06
C THR A 18 -15.37 -4.51 0.31
N SER A 19 -14.80 -5.38 1.14
CA SER A 19 -15.57 -6.47 1.71
C SER A 19 -15.93 -6.19 3.17
N THR A 20 -17.02 -6.76 3.67
CA THR A 20 -17.39 -6.55 5.07
C THR A 20 -17.56 -7.92 5.72
N LYS A 21 -16.78 -8.17 6.77
CA LYS A 21 -16.79 -9.46 7.46
C LYS A 21 -17.25 -9.34 8.88
N ASN A 22 -17.77 -10.45 9.44
CA ASN A 22 -18.28 -10.47 10.80
C ASN A 22 -19.19 -9.27 11.09
N ALA A 23 -19.99 -8.92 10.10
CA ALA A 23 -20.93 -7.79 10.19
C ALA A 23 -20.28 -6.43 10.25
N ASP A 24 -19.14 -6.29 10.94
CA ASP A 24 -18.68 -4.99 11.33
C ASP A 24 -17.30 -4.52 10.89
N ILE A 25 -16.60 -5.34 10.13
CA ILE A 25 -15.27 -5.01 9.68
C ILE A 25 -15.14 -4.92 8.15
N ALA A 26 -15.01 -3.70 7.65
CA ALA A 26 -14.83 -3.45 6.25
C ALA A 26 -13.36 -3.33 5.93
N GLU A 27 -12.95 -4.04 4.88
CA GLU A 27 -11.57 -4.03 4.41
C GLU A 27 -11.53 -3.71 2.93
N VAL A 28 -10.49 -2.98 2.52
CA VAL A 28 -10.33 -2.56 1.17
C VAL A 28 -9.23 -3.36 0.52
N HIS A 29 -9.54 -3.89 -0.65
CA HIS A 29 -8.63 -4.65 -1.44
C HIS A 29 -8.52 -4.10 -2.86
N ARG A 30 -7.55 -4.57 -3.62
CA ARG A 30 -7.36 -4.00 -4.93
C ARG A 30 -6.83 -5.07 -5.89
N PHE A 31 -6.82 -4.75 -7.19
CA PHE A 31 -6.11 -5.53 -8.18
C PHE A 31 -4.88 -4.77 -8.58
N LEU A 32 -3.80 -5.46 -8.87
CA LEU A 32 -2.59 -4.77 -9.23
C LEU A 32 -2.40 -4.60 -10.71
N VAL A 33 -3.13 -5.37 -11.53
CA VAL A 33 -2.90 -5.32 -12.96
C VAL A 33 -4.19 -5.21 -13.76
N LEU A 34 -4.34 -4.05 -14.39
CA LEU A 34 -5.41 -3.76 -15.28
C LEU A 34 -4.85 -3.46 -16.66
N HIS A 35 -5.72 -3.61 -17.66
CA HIS A 35 -5.46 -3.08 -18.99
C HIS A 35 -6.73 -2.44 -19.48
N GLY A 36 -6.63 -1.60 -20.48
CA GLY A 36 -7.86 -1.04 -21.00
C GLY A 36 -7.66 -0.23 -22.24
N LYS A 37 -8.72 -0.08 -22.99
CA LYS A 37 -8.64 0.66 -24.23
C LYS A 37 -9.99 1.29 -24.49
N VAL A 38 -9.98 2.52 -25.04
CA VAL A 38 -11.19 3.14 -25.55
C VAL A 38 -10.89 3.56 -26.98
N ASP A 39 -11.71 3.11 -27.91
CA ASP A 39 -11.49 3.45 -29.31
C ASP A 39 -12.15 4.77 -29.67
N PRO A 40 -11.82 5.30 -30.84
CA PRO A 40 -12.34 6.63 -31.17
C PRO A 40 -13.87 6.71 -31.19
N LYS A 41 -14.53 5.60 -31.47
CA LYS A 41 -16.00 5.48 -31.47
C LYS A 41 -16.63 5.36 -30.08
N GLY A 42 -15.79 5.30 -29.04
CA GLY A 42 -16.32 5.26 -27.69
C GLY A 42 -16.47 3.85 -27.14
N LEU A 43 -16.08 2.82 -27.90
CA LEU A 43 -16.16 1.48 -27.36
C LEU A 43 -15.05 1.34 -26.34
N ALA A 44 -15.41 1.01 -25.10
CA ALA A 44 -14.42 0.99 -24.02
C ALA A 44 -14.39 -0.39 -23.41
N GLU A 45 -13.18 -0.84 -23.10
CA GLU A 45 -13.05 -2.11 -22.44
C GLU A 45 -11.91 -2.02 -21.43
N VAL A 46 -12.18 -2.49 -20.22
CA VAL A 46 -11.18 -2.63 -19.17
C VAL A 46 -11.07 -4.12 -18.83
N GLU A 47 -9.84 -4.64 -18.78
CA GLU A 47 -9.59 -6.01 -18.37
C GLU A 47 -8.93 -5.98 -16.99
N VAL A 48 -9.39 -6.84 -16.11
CA VAL A 48 -8.75 -7.00 -14.79
C VAL A 48 -8.10 -8.37 -14.77
N GLU A 49 -6.79 -8.44 -14.50
CA GLU A 49 -6.14 -9.75 -14.35
C GLU A 49 -6.41 -10.19 -12.91
N THR A 50 -7.25 -11.21 -12.75
CA THR A 50 -7.78 -11.51 -11.42
C THR A 50 -6.73 -12.20 -10.57
N GLU A 51 -5.69 -12.75 -11.22
CA GLU A 51 -4.60 -13.33 -10.46
C GLU A 51 -3.87 -12.22 -9.67
N SER A 52 -4.07 -10.95 -10.05
CA SER A 52 -3.36 -9.82 -9.45
C SER A 52 -4.06 -9.24 -8.21
N ILE A 53 -5.07 -9.97 -7.72
CA ILE A 53 -5.73 -9.62 -6.44
C ILE A 53 -4.69 -9.39 -5.34
N SER A 54 -4.88 -8.32 -4.56
CA SER A 54 -3.95 -8.04 -3.46
C SER A 54 -4.81 -7.61 -2.28
N THR A 55 -4.81 -8.42 -1.22
CA THR A 55 -5.58 -8.13 -0.02
C THR A 55 -4.65 -7.84 1.17
N GLY A 56 -3.34 -8.04 0.94
CA GLY A 56 -2.32 -7.86 1.96
C GLY A 56 -2.10 -9.07 2.86
N ILE A 57 -2.87 -10.11 2.62
CA ILE A 57 -2.69 -11.41 3.28
C ILE A 57 -2.53 -12.46 2.19
N PRO A 58 -1.33 -13.01 2.05
CA PRO A 58 -1.15 -13.96 0.96
C PRO A 58 -2.14 -15.13 0.95
N LEU A 59 -2.44 -15.74 2.11
CA LEU A 59 -3.38 -16.85 2.15
C LEU A 59 -4.75 -16.43 1.61
N ARG A 60 -5.14 -15.20 1.91
CA ARG A 60 -6.46 -14.71 1.50
C ARG A 60 -6.43 -14.46 -0.01
N ASP A 61 -5.30 -13.94 -0.51
CA ASP A 61 -5.12 -13.74 -1.96
C ASP A 61 -5.31 -15.08 -2.67
N GLU A 62 -4.68 -16.14 -2.13
CA GLU A 62 -4.76 -17.46 -2.75
C GLU A 62 -6.16 -18.06 -2.70
N ARG A 63 -6.83 -17.93 -1.57
CA ARG A 63 -8.24 -18.35 -1.52
C ARG A 63 -9.11 -17.60 -2.53
N LEU A 64 -8.96 -16.29 -2.60
CA LEU A 64 -9.72 -15.52 -3.60
C LEU A 64 -9.41 -16.01 -5.03
N ARG A 65 -8.12 -16.14 -5.39
CA ARG A 65 -7.74 -16.62 -6.74
C ARG A 65 -8.41 -17.96 -7.09
N GLU A 66 -8.32 -18.90 -6.17
CA GLU A 66 -8.72 -20.27 -6.45
C GLU A 66 -10.22 -20.49 -6.27
N GLN A 67 -10.75 -20.08 -5.14
CA GLN A 67 -12.16 -20.34 -4.84
C GLN A 67 -13.15 -19.36 -5.46
N VAL A 68 -12.82 -18.07 -5.44
CA VAL A 68 -13.80 -17.08 -5.86
C VAL A 68 -13.61 -16.72 -7.32
N PHE A 69 -12.42 -16.29 -7.69
CA PHE A 69 -12.16 -15.84 -9.06
C PHE A 69 -11.92 -16.99 -10.04
N GLN A 70 -11.49 -18.14 -9.53
CA GLN A 70 -11.12 -19.29 -10.41
C GLN A 70 -10.22 -18.91 -11.55
N VAL A 71 -9.08 -18.34 -11.18
CA VAL A 71 -8.18 -17.70 -12.13
C VAL A 71 -7.63 -18.68 -13.18
N HIS A 72 -7.63 -19.98 -12.87
CA HIS A 72 -7.20 -21.04 -13.79
CA HIS A 72 -7.14 -20.94 -13.85
C HIS A 72 -8.11 -21.14 -15.02
N LYS A 73 -9.40 -20.86 -14.82
CA LYS A 73 -10.38 -20.89 -15.89
C LYS A 73 -10.66 -19.48 -16.41
N PHE A 74 -10.57 -18.51 -15.52
CA PHE A 74 -10.90 -17.12 -15.91
C PHE A 74 -9.88 -16.13 -15.37
N PRO A 75 -8.74 -16.03 -16.05
CA PRO A 75 -7.71 -15.11 -15.56
C PRO A 75 -8.09 -13.65 -15.79
N VAL A 76 -9.14 -13.36 -16.57
CA VAL A 76 -9.52 -11.98 -16.79
C VAL A 76 -11.00 -11.74 -16.48
N ALA A 77 -11.27 -10.60 -15.85
CA ALA A 77 -12.65 -10.07 -15.77
C ALA A 77 -12.69 -8.87 -16.70
N GLN A 78 -13.83 -8.65 -17.35
CA GLN A 78 -13.91 -7.57 -18.35
C GLN A 78 -14.97 -6.58 -17.92
N ILE A 79 -14.74 -5.32 -18.25
CA ILE A 79 -15.77 -4.28 -18.08
C ILE A 79 -15.93 -3.63 -19.43
N ASN A 80 -17.15 -3.56 -19.93
CA ASN A 80 -17.39 -3.05 -21.28
C ASN A 80 -18.44 -1.94 -21.25
N ALA A 81 -18.23 -0.88 -22.02
CA ALA A 81 -19.20 0.19 -22.10
C ALA A 81 -19.08 0.85 -23.47
N GLN A 82 -20.12 1.60 -23.82
CA GLN A 82 -20.11 2.49 -24.96
C GLN A 82 -20.29 3.94 -24.49
N LEU A 83 -19.27 4.77 -24.75
CA LEU A 83 -19.26 6.17 -24.32
C LEU A 83 -19.78 7.06 -25.42
N ASP A 84 -20.36 8.19 -25.02
CA ASP A 84 -20.62 9.28 -25.93
C ASP A 84 -19.38 10.14 -25.80
N ARG A 86 -18.12 12.69 -27.52
CA ARG A 86 -18.10 14.11 -27.85
C ARG A 86 -17.95 15.05 -26.64
N PRO A 87 -18.85 14.95 -25.65
CA PRO A 87 -18.77 15.84 -24.49
C PRO A 87 -17.48 15.64 -23.69
N ILE A 88 -16.95 14.42 -23.69
CA ILE A 88 -15.71 14.15 -22.97
C ILE A 88 -14.52 14.78 -23.70
N ASN A 89 -14.43 14.51 -25.00
CA ASN A 89 -13.37 15.09 -25.79
C ASN A 89 -13.39 16.60 -25.79
N ASN A 90 -14.59 17.18 -25.72
CA ASN A 90 -14.71 18.64 -25.68
C ASN A 90 -14.17 19.32 -24.42
N LEU A 91 -13.92 18.56 -23.36
CA LEU A 91 -13.41 19.16 -22.12
C LEU A 91 -12.06 19.81 -22.35
N ALA A 92 -11.88 20.97 -21.74
CA ALA A 92 -10.57 21.59 -21.67
C ALA A 92 -9.77 20.96 -20.55
N PRO A 93 -8.42 21.01 -20.63
CA PRO A 93 -7.63 20.53 -19.49
C PRO A 93 -8.07 21.12 -18.16
N GLY A 94 -8.24 20.24 -17.17
CA GLY A 94 -8.68 20.67 -15.87
C GLY A 94 -10.19 20.67 -15.68
N ALA A 95 -10.95 20.60 -16.77
CA ALA A 95 -12.42 20.63 -16.67
C ALA A 95 -12.95 19.24 -16.49
N GLN A 96 -14.12 19.13 -15.85
CA GLN A 96 -14.72 17.85 -15.51
C GLN A 96 -16.19 17.73 -15.97
N LEU A 97 -16.60 16.49 -16.23
CA LEU A 97 -17.96 16.19 -16.60
C LEU A 97 -18.45 15.00 -15.78
N GLU A 98 -19.63 15.14 -15.16
CA GLU A 98 -20.25 13.98 -14.50
C GLU A 98 -21.05 13.24 -15.54
N LEU A 99 -21.00 11.91 -15.50
CA LEU A 99 -21.83 11.15 -16.41
C LEU A 99 -22.37 9.88 -15.78
N ARG A 100 -23.44 9.33 -16.35
CA ARG A 100 -23.93 8.00 -15.93
C ARG A 100 -23.63 7.07 -17.09
N LEU A 101 -22.91 6.01 -16.81
CA LEU A 101 -22.44 5.12 -17.89
C LEU A 101 -22.99 3.71 -17.74
N PRO A 102 -23.91 3.33 -18.64
CA PRO A 102 -24.31 1.90 -18.57
C PRO A 102 -23.10 1.05 -18.92
N LEU A 103 -22.92 -0.06 -18.22
CA LEU A 103 -21.78 -0.92 -18.55
C LEU A 103 -22.10 -2.34 -18.17
N THR A 104 -21.27 -3.26 -18.65
CA THR A 104 -21.44 -4.66 -18.32
C THR A 104 -20.15 -5.21 -17.73
N VAL A 105 -20.27 -5.95 -16.65
CA VAL A 105 -19.11 -6.64 -16.06
C VAL A 105 -19.22 -8.14 -16.36
N SER A 106 -18.12 -8.75 -16.81
CA SER A 106 -18.09 -10.21 -17.07
C SER A 106 -17.07 -10.80 -16.13
N LEU A 107 -17.53 -11.69 -15.27
CA LEU A 107 -16.69 -12.22 -14.25
C LEU A 107 -17.01 -13.71 -14.18
N ARG A 108 -15.95 -14.51 -14.21
CA ARG A 108 -16.06 -15.96 -14.05
C ARG A 108 -17.15 -16.57 -14.91
N GLY A 109 -17.16 -16.11 -16.14
CA GLY A 109 -18.01 -16.58 -17.22
C GLY A 109 -19.48 -16.22 -17.10
N LYS A 110 -19.76 -15.21 -16.26
CA LYS A 110 -21.13 -14.71 -16.14
C LYS A 110 -21.09 -13.20 -16.32
N SER A 111 -22.21 -12.60 -16.69
CA SER A 111 -22.27 -11.16 -16.97
C SER A 111 -23.42 -10.49 -16.22
N HIS A 112 -23.26 -9.22 -15.91
CA HIS A 112 -24.33 -8.49 -15.24
C HIS A 112 -24.12 -7.01 -15.62
N SER A 113 -25.22 -6.26 -15.74
CA SER A 113 -25.15 -4.87 -16.17
C SER A 113 -25.34 -3.94 -14.99
N TYR A 114 -24.74 -2.77 -15.09
CA TYR A 114 -24.73 -1.76 -14.03
C TYR A 114 -24.79 -0.40 -14.69
N ASN A 115 -24.97 0.63 -13.87
CA ASN A 115 -24.85 2.00 -14.38
C ASN A 115 -23.97 2.78 -13.42
N ALA A 116 -22.79 3.19 -13.88
CA ALA A 116 -21.80 3.81 -13.00
C ALA A 116 -21.93 5.31 -13.02
N GLU A 117 -21.69 5.93 -11.86
CA GLU A 117 -21.75 7.39 -11.78
C GLU A 117 -20.29 7.78 -11.78
N LEU A 118 -19.85 8.44 -12.85
CA LEU A 118 -18.45 8.70 -13.08
C LEU A 118 -18.17 10.18 -13.23
N LEU A 119 -16.93 10.55 -12.92
CA LEU A 119 -16.45 11.89 -13.24
C LEU A 119 -15.30 11.71 -14.20
N ALA A 120 -15.43 12.36 -15.36
CA ALA A 120 -14.31 12.42 -16.33
C ALA A 120 -13.67 13.77 -16.29
N THR A 121 -12.33 13.82 -16.18
CA THR A 121 -11.59 15.09 -16.14
C THR A 121 -10.46 15.04 -17.14
N ARG A 122 -10.36 16.02 -18.03
CA ARG A 122 -9.23 16.06 -18.96
C ARG A 122 -8.00 16.52 -18.19
N LEU A 123 -6.92 15.76 -18.31
CA LEU A 123 -5.68 16.14 -17.64
C LEU A 123 -4.74 16.93 -18.54
N ASP A 124 -4.67 16.57 -19.81
CA ASP A 124 -3.88 17.32 -20.79
C ASP A 124 -4.38 16.91 -22.16
N GLU A 125 -3.67 17.26 -23.24
CA GLU A 125 -4.26 17.01 -24.55
CA GLU A 125 -4.18 17.01 -24.58
C GLU A 125 -4.35 15.52 -24.88
N ARG A 126 -3.62 14.67 -24.17
CA ARG A 126 -3.67 13.24 -24.46
C ARG A 126 -4.00 12.36 -23.28
N ARG A 127 -4.47 12.92 -22.18
CA ARG A 127 -4.74 12.10 -20.98
C ARG A 127 -6.02 12.53 -20.29
N PHE A 128 -6.79 11.54 -19.83
CA PHE A 128 -8.03 11.75 -19.09
C PHE A 128 -7.98 10.92 -17.82
N GLN A 129 -8.64 11.44 -16.80
CA GLN A 129 -8.87 10.67 -15.58
C GLN A 129 -10.34 10.34 -15.47
N VAL A 130 -10.68 9.12 -15.05
CA VAL A 130 -12.07 8.73 -14.85
C VAL A 130 -12.15 8.17 -13.43
N VAL A 131 -13.05 8.70 -12.60
CA VAL A 131 -13.18 8.16 -11.26
CA VAL A 131 -13.20 8.30 -11.21
C VAL A 131 -14.64 7.87 -10.93
N THR A 132 -14.87 6.81 -10.17
CA THR A 132 -16.22 6.58 -9.67
C THR A 132 -16.60 7.62 -8.62
N LEU A 133 -17.70 8.32 -8.84
CA LEU A 133 -18.21 9.26 -7.84
C LEU A 133 -18.93 8.54 -6.71
N GLU A 134 -19.49 7.38 -7.04
CA GLU A 134 -19.99 6.45 -6.04
C GLU A 134 -19.51 5.07 -6.50
N PRO A 135 -19.19 4.20 -5.53
CA PRO A 135 -18.83 2.87 -5.99
C PRO A 135 -19.98 2.15 -6.67
N LEU A 136 -19.64 1.22 -7.52
CA LEU A 136 -20.57 0.29 -8.12
C LEU A 136 -20.74 -0.85 -7.14
N VAL A 137 -21.97 -1.18 -6.82
CA VAL A 137 -22.20 -2.25 -5.86
C VAL A 137 -22.53 -3.57 -6.55
N ILE A 138 -21.58 -4.48 -6.51
CA ILE A 138 -21.78 -5.86 -6.97
C ILE A 138 -22.36 -6.73 -5.86
N HIS A 139 -23.28 -7.62 -6.21
CA HIS A 139 -23.74 -8.63 -5.25
C HIS A 139 -23.28 -10.01 -5.75
N ALA A 140 -22.91 -10.89 -4.83
CA ALA A 140 -22.41 -12.23 -5.20
C ALA A 140 -23.33 -12.93 -6.20
N GLN A 141 -24.63 -12.75 -6.03
CA GLN A 141 -25.58 -13.48 -6.86
C GLN A 141 -25.51 -13.01 -8.31
N ASP A 142 -25.02 -11.78 -8.53
CA ASP A 142 -24.90 -11.28 -9.89
C ASP A 142 -24.02 -12.21 -10.73
N PHE A 143 -23.09 -12.92 -10.09
CA PHE A 143 -22.14 -13.78 -10.80
C PHE A 143 -22.19 -15.21 -10.30
N ASP A 144 -23.31 -15.54 -9.67
CA ASP A 144 -23.55 -16.88 -9.10
C ASP A 144 -22.42 -17.32 -8.16
N VAL A 146 -22.63 -16.74 -4.55
CA VAL A 146 -23.05 -16.84 -3.16
C VAL A 146 -22.41 -17.99 -2.40
N SER A 147 -22.47 -19.21 -2.95
CA SER A 147 -21.88 -20.34 -2.23
C SER A 147 -20.39 -20.17 -2.08
N ASP A 148 -19.74 -19.55 -3.07
CA ASP A 148 -18.29 -19.33 -2.95
C ASP A 148 -17.99 -18.30 -1.84
N PHE A 149 -18.87 -17.31 -1.66
CA PHE A 149 -18.62 -16.35 -0.58
C PHE A 149 -18.74 -17.06 0.78
N ASN A 150 -19.76 -17.91 0.87
CA ASN A 150 -20.00 -18.63 2.10
C ASN A 150 -18.85 -19.61 2.34
N ALA A 151 -18.32 -20.21 1.27
CA ALA A 151 -17.16 -21.08 1.43
C ALA A 151 -15.95 -20.31 1.99
N LEU A 152 -15.71 -19.10 1.49
CA LEU A 152 -14.65 -18.27 2.03
C LEU A 152 -14.84 -17.91 3.49
N ARG A 153 -16.08 -17.56 3.83
CA ARG A 153 -16.42 -17.23 5.17
C ARG A 153 -16.08 -18.46 6.01
N ASN A 154 -16.44 -19.64 5.51
CA ASN A 154 -16.27 -20.87 6.33
C ASN A 154 -14.77 -21.12 6.50
N ALA A 155 -14.02 -21.06 5.41
CA ALA A 155 -12.56 -21.27 5.46
C ALA A 155 -11.83 -20.37 6.46
N ALA A 156 -12.25 -19.11 6.54
CA ALA A 156 -11.56 -18.12 7.37
C ALA A 156 -12.11 -18.02 8.80
N GLY A 157 -13.07 -18.88 9.12
CA GLY A 157 -13.59 -18.92 10.48
C GLY A 157 -14.43 -17.70 10.84
N LEU A 158 -15.01 -17.08 9.81
CA LEU A 158 -15.82 -15.88 10.00
C LEU A 158 -17.29 -16.17 10.30
N SER A 159 -17.91 -15.33 11.10
CA SER A 159 -19.32 -15.49 11.36
C SER A 159 -20.15 -14.99 10.19
N ALA A 160 -19.60 -14.11 9.37
CA ALA A 160 -20.38 -13.55 8.27
C ALA A 160 -19.44 -12.90 7.23
N VAL A 161 -19.82 -12.95 5.96
CA VAL A 161 -19.24 -12.11 4.91
C VAL A 161 -20.40 -11.55 4.12
N SER A 162 -20.40 -10.23 3.92
CA SER A 162 -21.47 -9.58 3.18
C SER A 162 -21.43 -10.00 1.73
N LEU A 163 -22.61 -10.22 1.15
CA LEU A 163 -22.67 -10.61 -0.26
C LEU A 163 -22.58 -9.40 -1.18
N SER A 164 -22.61 -8.19 -0.61
CA SER A 164 -22.44 -6.97 -1.38
C SER A 164 -20.99 -6.51 -1.35
N VAL A 165 -20.51 -6.01 -2.46
CA VAL A 165 -19.12 -5.62 -2.59
C VAL A 165 -19.09 -4.28 -3.39
N PRO A 166 -18.87 -3.16 -2.70
CA PRO A 166 -18.74 -1.92 -3.48
C PRO A 166 -17.37 -1.80 -4.18
N VAL A 167 -17.38 -1.45 -5.47
CA VAL A 167 -16.16 -1.41 -6.29
C VAL A 167 -15.93 0.03 -6.74
N GLY A 168 -14.72 0.53 -6.53
CA GLY A 168 -14.37 1.89 -6.96
C GLY A 168 -13.18 1.89 -7.87
N ALA A 169 -13.02 2.98 -8.62
CA ALA A 169 -11.88 3.06 -9.52
C ALA A 169 -11.43 4.50 -9.72
N VAL A 170 -10.12 4.63 -9.90
CA VAL A 170 -9.50 5.85 -10.44
C VAL A 170 -8.68 5.36 -11.63
N LEU A 171 -9.10 5.72 -12.84
CA LEU A 171 -8.48 5.21 -14.06
C LEU A 171 -7.90 6.30 -14.90
N ILE A 172 -6.65 6.16 -15.33
CA ILE A 172 -6.06 7.14 -16.23
C ILE A 172 -5.89 6.53 -17.61
N PHE A 173 -6.33 7.25 -18.63
CA PHE A 173 -6.24 6.80 -20.01
C PHE A 173 -5.38 7.78 -20.80
N THR A 174 -4.57 7.25 -21.73
CA THR A 174 -3.63 8.09 -22.46
C THR A 174 -3.74 7.75 -23.93
N ALA A 175 -3.81 8.78 -24.77
CA ALA A 175 -3.85 8.60 -26.21
C ALA A 175 -2.40 8.40 -26.60
N ARG A 176 -2.03 7.16 -26.84
CA ARG A 176 -0.65 6.76 -27.12
C ARG A 176 -0.69 5.47 -27.95
N GLU A 177 0.49 5.02 -28.38
CA GLU A 177 0.60 3.74 -29.10
C GLU A 177 0.38 2.54 -28.19
N ALA B 4 16.50 -5.57 -22.74
CA ALA B 4 17.29 -4.85 -23.76
C ALA B 4 18.35 -5.60 -24.57
N ASN B 5 18.85 -6.75 -24.09
CA ASN B 5 18.51 -7.31 -22.80
C ASN B 5 19.28 -6.62 -21.67
N TRP B 6 18.68 -6.64 -20.48
CA TRP B 6 19.37 -6.15 -19.31
C TRP B 6 19.76 -7.37 -18.51
N TYR B 7 20.99 -7.39 -17.98
CA TYR B 7 21.45 -8.56 -17.23
C TYR B 7 21.83 -8.17 -15.81
N LEU B 8 21.53 -9.05 -14.86
CA LEU B 8 21.84 -8.72 -13.46
C LEU B 8 23.33 -8.71 -13.19
N ASP B 9 23.79 -7.72 -12.43
CA ASP B 9 25.20 -7.66 -12.02
C ASP B 9 25.32 -8.23 -10.60
N ASN B 10 25.78 -9.46 -10.48
CA ASN B 10 25.88 -10.10 -9.16
C ASN B 10 26.68 -9.32 -8.10
N GLU B 11 27.85 -8.79 -8.48
CA GLU B 11 28.72 -8.07 -7.54
C GLU B 11 28.10 -6.80 -6.96
N SER B 12 27.06 -6.27 -7.61
CA SER B 12 26.46 -5.03 -7.13
C SER B 12 25.10 -5.30 -6.47
N SER B 13 24.71 -6.57 -6.42
CA SER B 13 23.36 -6.95 -6.02
C SER B 13 23.40 -7.78 -4.73
N ARG B 14 22.31 -7.76 -3.99
CA ARG B 14 22.21 -8.56 -2.77
C ARG B 14 20.77 -9.09 -2.65
N LEU B 15 20.62 -10.40 -2.51
CA LEU B 15 19.32 -11.00 -2.17
C LEU B 15 19.48 -11.59 -0.77
N SER B 16 18.62 -11.17 0.15
CA SER B 16 18.74 -11.64 1.53
C SER B 16 17.38 -12.10 2.01
N PHE B 17 17.38 -12.82 3.12
CA PHE B 17 16.13 -13.19 3.78
C PHE B 17 16.32 -13.34 5.26
N THR B 18 15.23 -13.30 6.03
CA THR B 18 15.37 -13.36 7.50
C THR B 18 14.73 -14.66 8.00
N SER B 19 15.43 -15.35 8.90
CA SER B 19 14.83 -16.49 9.61
C SER B 19 14.60 -16.13 11.07
N THR B 20 13.55 -16.69 11.68
CA THR B 20 13.32 -16.44 13.09
C THR B 20 13.21 -17.77 13.76
N LYS B 21 14.09 -18.00 14.73
CA LYS B 21 14.11 -19.28 15.44
C LYS B 21 13.80 -19.11 16.91
N ASN B 22 13.23 -20.15 17.55
CA ASN B 22 12.90 -20.09 18.96
C ASN B 22 12.10 -18.84 19.28
N ALA B 23 11.15 -18.53 18.40
CA ALA B 23 10.24 -17.39 18.56
C ALA B 23 10.83 -16.02 18.35
N ASP B 24 12.01 -15.76 18.91
CA ASP B 24 12.49 -14.41 19.10
C ASP B 24 13.87 -14.12 18.48
N ILE B 25 14.48 -15.13 17.88
CA ILE B 25 15.84 -14.95 17.41
C ILE B 25 15.88 -14.76 15.89
N ALA B 26 15.96 -13.50 15.44
CA ALA B 26 15.98 -13.25 14.00
C ALA B 26 17.42 -13.16 13.49
N GLU B 27 17.65 -13.68 12.29
CA GLU B 27 18.97 -13.67 11.67
C GLU B 27 18.74 -13.38 10.18
N VAL B 28 19.65 -12.63 9.56
CA VAL B 28 19.55 -12.36 8.13
C VAL B 28 20.57 -13.23 7.42
N HIS B 29 20.18 -13.81 6.30
CA HIS B 29 21.07 -14.67 5.49
C HIS B 29 21.02 -14.16 4.08
N ARG B 30 21.91 -14.67 3.22
CA ARG B 30 21.92 -14.17 1.87
C ARG B 30 22.34 -15.31 0.93
N PHE B 31 22.18 -15.08 -0.37
CA PHE B 31 22.78 -15.93 -1.40
C PHE B 31 23.96 -15.20 -2.05
N LEU B 32 25.08 -15.90 -2.28
CA LEU B 32 26.22 -15.23 -2.85
C LEU B 32 26.26 -15.15 -4.36
N VAL B 33 25.46 -15.99 -5.03
CA VAL B 33 25.47 -16.00 -6.49
C VAL B 33 24.05 -15.95 -7.09
N LEU B 34 23.81 -14.87 -7.85
CA LEU B 34 22.55 -14.65 -8.58
C LEU B 34 22.84 -14.45 -10.07
N HIS B 35 21.82 -14.67 -10.89
CA HIS B 35 21.87 -14.19 -12.29
C HIS B 35 20.52 -13.62 -12.58
N GLY B 36 20.36 -12.96 -13.73
CA GLY B 36 19.04 -12.47 -14.05
C GLY B 36 19.05 -11.73 -15.37
N LYS B 37 17.83 -11.49 -15.87
CA LYS B 37 17.69 -10.87 -17.19
C LYS B 37 16.29 -10.26 -17.26
N VAL B 38 16.21 -9.12 -17.92
CA VAL B 38 14.93 -8.58 -18.38
C VAL B 38 15.01 -8.36 -19.89
N ASP B 39 14.05 -8.90 -20.62
CA ASP B 39 14.05 -8.66 -22.07
C ASP B 39 13.22 -7.44 -22.44
N PRO B 40 13.31 -7.01 -23.71
CA PRO B 40 12.67 -5.75 -24.10
C PRO B 40 11.15 -5.84 -24.02
N LYS B 41 10.61 -7.06 -24.00
CA LYS B 41 9.17 -7.19 -23.80
C LYS B 41 8.71 -7.21 -22.35
N GLY B 42 9.64 -7.12 -21.41
CA GLY B 42 9.27 -7.00 -20.00
C GLY B 42 9.30 -8.32 -19.23
N LEU B 43 9.73 -9.41 -19.90
CA LEU B 43 9.84 -10.68 -19.17
C LEU B 43 11.05 -10.59 -18.31
N ALA B 44 10.86 -10.73 -17.00
CA ALA B 44 11.98 -10.52 -16.09
C ALA B 44 12.20 -11.79 -15.28
N GLU B 45 13.47 -12.11 -15.03
CA GLU B 45 13.81 -13.28 -14.21
C GLU B 45 15.04 -13.04 -13.34
N VAL B 46 15.00 -13.54 -12.11
CA VAL B 46 16.20 -13.66 -11.29
C VAL B 46 16.37 -15.15 -11.03
N GLU B 47 17.60 -15.62 -11.15
CA GLU B 47 17.94 -17.03 -10.91
C GLU B 47 18.86 -17.03 -9.68
N VAL B 48 18.58 -17.88 -8.71
CA VAL B 48 19.39 -17.93 -7.49
C VAL B 48 20.11 -19.27 -7.54
N GLU B 49 21.44 -19.27 -7.42
CA GLU B 49 22.15 -20.54 -7.26
C GLU B 49 21.98 -20.91 -5.80
N THR B 50 21.18 -21.92 -5.51
CA THR B 50 20.86 -22.17 -4.09
C THR B 50 22.05 -22.80 -3.34
N GLU B 51 23.03 -23.34 -4.06
CA GLU B 51 24.28 -23.78 -3.42
C GLU B 51 25.02 -22.62 -2.80
N SER B 52 24.74 -21.41 -3.28
CA SER B 52 25.46 -20.24 -2.80
C SER B 52 24.83 -19.64 -1.51
N ILE B 53 23.86 -20.35 -0.90
CA ILE B 53 23.34 -19.97 0.41
C ILE B 53 24.49 -19.67 1.39
N SER B 54 24.37 -18.58 2.14
CA SER B 54 25.44 -18.22 3.08
C SER B 54 24.73 -17.67 4.31
N THR B 55 24.68 -18.48 5.36
CA THR B 55 23.98 -18.10 6.60
C THR B 55 24.98 -17.70 7.71
N GLY B 56 26.28 -17.78 7.47
CA GLY B 56 27.20 -17.48 8.55
C GLY B 56 27.68 -18.73 9.29
N ILE B 57 26.99 -19.85 9.12
CA ILE B 57 27.34 -21.09 9.83
C ILE B 57 27.44 -22.18 8.76
N PRO B 58 28.68 -22.55 8.42
CA PRO B 58 28.95 -23.48 7.33
C PRO B 58 28.17 -24.78 7.47
N LEU B 59 28.03 -25.34 8.67
CA LEU B 59 27.32 -26.60 8.82
C LEU B 59 25.82 -26.42 8.52
N ARG B 60 25.29 -25.27 8.92
CA ARG B 60 23.88 -24.95 8.63
C ARG B 60 23.69 -24.79 7.13
N ASP B 61 24.66 -24.16 6.47
CA ASP B 61 24.57 -23.96 5.01
C ASP B 61 24.44 -25.31 4.33
N GLU B 62 25.27 -26.26 4.79
CA GLU B 62 25.26 -27.58 4.17
C GLU B 62 23.92 -28.28 4.39
N ARG B 63 23.37 -28.17 5.61
CA ARG B 63 22.06 -28.77 5.92
C ARG B 63 20.97 -28.14 5.06
N LEU B 64 21.01 -26.82 4.90
CA LEU B 64 20.06 -26.15 3.96
C LEU B 64 20.20 -26.68 2.52
N ARG B 65 21.44 -26.80 2.06
CA ARG B 65 21.71 -27.26 0.71
C ARG B 65 21.20 -28.68 0.46
N GLU B 66 21.24 -29.51 1.49
CA GLU B 66 20.84 -30.93 1.35
C GLU B 66 19.35 -31.13 1.60
N GLN B 67 18.83 -30.55 2.70
CA GLN B 67 17.48 -30.79 3.17
C GLN B 67 16.40 -29.84 2.64
N VAL B 68 16.71 -28.55 2.54
CA VAL B 68 15.72 -27.59 2.11
C VAL B 68 15.82 -27.28 0.62
N PHE B 69 16.99 -26.96 0.14
CA PHE B 69 17.07 -26.60 -1.28
C PHE B 69 17.22 -27.84 -2.18
N GLN B 70 17.73 -28.94 -1.64
CA GLN B 70 18.02 -30.13 -2.45
C GLN B 70 18.84 -29.77 -3.69
N VAL B 71 20.00 -29.16 -3.49
CA VAL B 71 20.75 -28.58 -4.62
C VAL B 71 21.28 -29.61 -5.63
N HIS B 72 21.37 -30.87 -5.20
CA HIS B 72 21.84 -31.97 -6.06
C HIS B 72 20.88 -32.14 -7.24
N LYS B 73 19.61 -31.88 -6.97
CA LYS B 73 18.59 -32.00 -8.00
C LYS B 73 18.16 -30.64 -8.54
N PHE B 74 18.19 -29.63 -7.66
CA PHE B 74 17.70 -28.28 -8.03
C PHE B 74 18.70 -27.20 -7.63
N PRO B 75 19.76 -27.05 -8.43
CA PRO B 75 20.77 -26.01 -8.17
C PRO B 75 20.24 -24.58 -8.31
N VAL B 76 19.09 -24.37 -8.95
CA VAL B 76 18.60 -23.01 -9.17
C VAL B 76 17.21 -22.82 -8.65
N ALA B 77 16.95 -21.66 -8.07
CA ALA B 77 15.55 -21.23 -7.76
C ALA B 77 15.27 -20.01 -8.64
N GLN B 78 13.98 -19.71 -8.89
CA GLN B 78 13.66 -18.62 -9.83
C GLN B 78 12.65 -17.62 -9.27
N ILE B 79 12.78 -16.38 -9.72
CA ILE B 79 11.73 -15.38 -9.49
C ILE B 79 11.42 -14.83 -10.87
N ASN B 80 10.13 -14.87 -11.23
CA ASN B 80 9.68 -14.40 -12.53
C ASN B 80 8.60 -13.32 -12.44
N ALA B 81 8.67 -12.31 -13.29
CA ALA B 81 7.58 -11.32 -13.35
C ALA B 81 7.39 -10.87 -14.80
N GLN B 82 6.23 -10.29 -15.11
CA GLN B 82 6.02 -9.63 -16.42
C GLN B 82 5.87 -8.13 -16.17
N LEU B 83 6.75 -7.34 -16.76
CA LEU B 83 6.76 -5.90 -16.52
C LEU B 83 6.13 -5.15 -17.67
N ASP B 84 5.52 -3.98 -17.38
CA ASP B 84 5.13 -3.06 -18.44
C ASP B 84 6.29 -2.12 -18.61
N ARG B 86 6.92 0.33 -20.69
CA ARG B 86 6.72 1.75 -21.06
C ARG B 86 7.17 2.77 -19.99
N PRO B 87 6.58 2.71 -18.79
CA PRO B 87 6.99 3.72 -17.81
C PRO B 87 8.41 3.51 -17.27
N ILE B 88 8.93 2.27 -17.32
CA ILE B 88 10.29 2.04 -16.89
C ILE B 88 11.27 2.64 -17.88
N ASN B 89 11.05 2.38 -19.17
CA ASN B 89 11.93 2.94 -20.18
C ASN B 89 11.92 4.46 -20.17
N ASN B 90 10.80 5.07 -19.76
CA ASN B 90 10.65 6.51 -19.81
C ASN B 90 11.37 7.23 -18.68
N LEU B 91 11.82 6.49 -17.66
CA LEU B 91 12.56 7.14 -16.56
C LEU B 91 13.87 7.80 -17.04
N ALA B 92 14.12 9.05 -16.61
CA ALA B 92 15.40 9.69 -16.77
C ALA B 92 16.34 9.20 -15.67
N PRO B 93 17.66 9.32 -15.88
CA PRO B 93 18.63 9.01 -14.83
C PRO B 93 18.28 9.71 -13.54
N GLY B 94 18.25 8.93 -12.46
CA GLY B 94 17.95 9.44 -11.14
C GLY B 94 16.48 9.38 -10.77
N ALA B 95 15.63 9.08 -11.76
CA ALA B 95 14.20 9.05 -11.51
C ALA B 95 13.78 7.64 -11.05
N GLN B 96 12.69 7.59 -10.28
CA GLN B 96 12.21 6.33 -9.70
C GLN B 96 10.70 6.12 -9.87
N LEU B 97 10.31 4.85 -9.86
CA LEU B 97 8.91 4.46 -10.10
C LEU B 97 8.60 3.31 -9.13
N GLU B 98 7.54 3.44 -8.34
CA GLU B 98 7.12 2.36 -7.45
CA GLU B 98 7.09 2.36 -7.44
C GLU B 98 6.21 1.41 -8.25
N LEU B 99 6.46 0.11 -8.11
CA LEU B 99 5.70 -0.91 -8.82
C LEU B 99 5.17 -1.89 -7.79
N ARG B 100 3.85 -2.05 -7.73
CA ARG B 100 3.28 -3.15 -6.93
C ARG B 100 2.93 -4.19 -7.98
N LEU B 101 3.66 -5.31 -7.95
CA LEU B 101 3.81 -6.25 -9.07
C LEU B 101 3.52 -7.68 -8.56
N PRO B 102 2.63 -8.44 -9.23
CA PRO B 102 2.59 -9.88 -8.95
C PRO B 102 3.85 -10.57 -9.50
N LEU B 103 4.36 -11.54 -8.77
CA LEU B 103 5.44 -12.31 -9.35
C LEU B 103 5.29 -13.74 -8.91
N THR B 104 6.09 -14.59 -9.52
CA THR B 104 6.11 -16.01 -9.19
CA THR B 104 6.09 -15.97 -9.07
C THR B 104 7.47 -16.41 -8.64
N VAL B 105 7.48 -17.23 -7.58
CA VAL B 105 8.74 -17.80 -7.11
C VAL B 105 8.65 -19.31 -7.39
N SER B 106 9.74 -19.91 -7.84
CA SER B 106 9.76 -21.36 -8.12
C SER B 106 10.94 -21.95 -7.36
N LEU B 107 10.63 -22.95 -6.53
CA LEU B 107 11.67 -23.65 -5.77
C LEU B 107 11.38 -25.12 -5.93
N ARG B 108 12.41 -25.88 -6.28
CA ARG B 108 12.27 -27.35 -6.35
C ARG B 108 11.16 -27.84 -7.27
N GLY B 109 10.91 -27.10 -8.34
CA GLY B 109 9.89 -27.50 -9.31
C GLY B 109 8.49 -27.12 -8.91
N LYS B 110 8.34 -26.35 -7.83
CA LYS B 110 7.03 -25.90 -7.42
C LYS B 110 7.00 -24.38 -7.52
N SER B 111 5.88 -23.81 -7.98
CA SER B 111 5.76 -22.35 -8.09
C SER B 111 4.66 -21.80 -7.21
N HIS B 112 4.82 -20.55 -6.82
CA HIS B 112 3.73 -19.90 -6.10
C HIS B 112 3.76 -18.43 -6.41
N SER B 113 2.59 -17.80 -6.37
CA SER B 113 2.44 -16.38 -6.72
C SER B 113 2.39 -15.50 -5.49
N TYR B 114 3.11 -14.38 -5.55
CA TYR B 114 3.08 -13.38 -4.49
C TYR B 114 3.03 -12.00 -5.10
N ASN B 115 2.67 -11.03 -4.27
CA ASN B 115 2.69 -9.62 -4.69
C ASN B 115 3.88 -8.92 -4.06
N ALA B 116 4.64 -8.16 -4.85
CA ALA B 116 5.86 -7.49 -4.41
C ALA B 116 5.65 -5.97 -4.43
N GLU B 117 6.34 -5.21 -3.57
CA GLU B 117 6.39 -3.76 -3.72
C GLU B 117 7.83 -3.42 -4.05
N LEU B 118 8.08 -2.92 -5.25
CA LEU B 118 9.42 -2.65 -5.75
C LEU B 118 9.60 -1.19 -6.10
N LEU B 119 10.85 -0.75 -6.11
CA LEU B 119 11.20 0.59 -6.58
C LEU B 119 12.20 0.36 -7.70
N ALA B 120 11.91 0.94 -8.88
CA ALA B 120 12.80 0.81 -10.00
C ALA B 120 13.37 2.21 -10.25
N THR B 121 14.69 2.32 -10.32
CA THR B 121 15.33 3.64 -10.51
C THR B 121 16.36 3.57 -11.61
N ARG B 122 16.32 4.50 -12.56
CA ARG B 122 17.32 4.49 -13.64
C ARG B 122 18.58 5.13 -13.09
N LEU B 123 19.72 4.46 -13.23
CA LEU B 123 20.97 4.96 -12.66
C LEU B 123 21.81 5.64 -13.72
N ARG B 127 22.30 1.24 -16.76
CA ARG B 127 22.12 0.62 -15.43
C ARG B 127 20.81 1.00 -14.76
N PHE B 128 20.14 0.00 -14.16
CA PHE B 128 18.86 0.24 -13.47
C PHE B 128 19.01 -0.46 -12.15
N GLN B 129 18.47 0.13 -11.09
CA GLN B 129 18.42 -0.51 -9.78
C GLN B 129 16.97 -0.89 -9.49
N VAL B 130 16.77 -2.05 -8.87
CA VAL B 130 15.43 -2.44 -8.45
C VAL B 130 15.57 -2.88 -7.00
N VAL B 131 14.80 -2.28 -6.10
CA VAL B 131 14.93 -2.66 -4.70
C VAL B 131 13.55 -3.08 -4.21
N THR B 132 13.48 -4.06 -3.29
CA THR B 132 12.22 -4.23 -2.57
C THR B 132 12.00 -3.09 -1.55
N LEU B 133 10.86 -2.42 -1.69
CA LEU B 133 10.46 -1.39 -0.74
C LEU B 133 9.94 -2.01 0.54
N GLU B 134 9.39 -3.20 0.39
CA GLU B 134 9.05 -4.06 1.51
C GLU B 134 9.51 -5.48 1.20
N PRO B 135 9.96 -6.22 2.23
CA PRO B 135 10.31 -7.61 1.91
C PRO B 135 9.09 -8.35 1.39
N LEU B 136 9.36 -9.36 0.57
CA LEU B 136 8.37 -10.26 0.03
C LEU B 136 8.32 -11.46 0.96
N VAL B 137 7.16 -11.76 1.52
CA VAL B 137 7.06 -12.89 2.44
C VAL B 137 6.57 -14.16 1.77
N ILE B 138 7.40 -15.20 1.81
CA ILE B 138 6.99 -16.51 1.28
C ILE B 138 6.74 -17.44 2.47
N HIS B 139 6.08 -18.56 2.21
CA HIS B 139 5.78 -19.49 3.30
C HIS B 139 6.21 -20.90 2.89
N ALA B 140 6.82 -21.62 3.83
CA ALA B 140 7.30 -22.99 3.55
C ALA B 140 6.19 -23.88 2.96
N GLN B 141 4.95 -23.67 3.38
CA GLN B 141 3.92 -24.61 2.95
C GLN B 141 3.69 -24.47 1.44
N ASP B 142 4.03 -23.30 0.91
CA ASP B 142 3.78 -23.01 -0.51
C ASP B 142 4.63 -23.85 -1.44
N PHE B 143 5.70 -24.40 -0.87
CA PHE B 143 6.67 -25.17 -1.63
C PHE B 143 6.83 -26.56 -1.03
N ASP B 144 5.86 -26.96 -0.21
CA ASP B 144 5.88 -28.28 0.44
C ASP B 144 7.17 -28.47 1.21
N VAL B 146 7.42 -27.60 4.71
CA VAL B 146 7.26 -27.55 6.15
C VAL B 146 8.08 -28.62 6.87
N SER B 147 7.97 -29.86 6.40
CA SER B 147 8.67 -30.97 7.04
C SER B 147 10.17 -30.73 6.97
N ASP B 148 10.66 -30.09 5.90
CA ASP B 148 12.08 -29.80 5.79
C ASP B 148 12.54 -28.67 6.74
N PHE B 149 11.69 -27.66 6.92
CA PHE B 149 12.00 -26.59 7.89
C PHE B 149 12.07 -27.23 9.28
N ASN B 150 11.09 -28.08 9.58
CA ASN B 150 11.10 -28.81 10.87
C ASN B 150 12.33 -29.71 11.07
N ALA B 151 12.78 -30.37 9.99
CA ALA B 151 14.00 -31.19 10.05
C ALA B 151 15.21 -30.35 10.47
N LEU B 152 15.31 -29.13 9.94
CA LEU B 152 16.41 -28.23 10.29
C LEU B 152 16.31 -27.76 11.74
N ARG B 153 15.10 -27.41 12.15
CA ARG B 153 14.83 -27.05 13.52
C ARG B 153 15.33 -28.20 14.41
N ASN B 154 15.00 -29.42 14.03
CA ASN B 154 15.30 -30.60 14.86
C ASN B 154 16.82 -30.80 14.96
N ALA B 155 17.49 -30.66 13.84
CA ALA B 155 18.94 -30.82 13.78
C ALA B 155 19.67 -29.76 14.60
N ALA B 156 19.09 -28.57 14.70
CA ALA B 156 19.69 -27.53 15.51
C ALA B 156 19.28 -27.53 16.99
N GLY B 157 18.44 -28.49 17.39
CA GLY B 157 17.97 -28.54 18.76
C GLY B 157 17.09 -27.35 19.13
N LEU B 158 16.39 -26.82 18.11
CA LEU B 158 15.53 -25.66 18.28
C LEU B 158 14.12 -26.03 18.67
N SER B 159 13.47 -25.12 19.37
CA SER B 159 12.08 -25.30 19.75
C SER B 159 11.14 -24.91 18.61
N ALA B 160 11.61 -24.01 17.75
CA ALA B 160 10.75 -23.54 16.68
C ALA B 160 11.55 -22.84 15.61
N VAL B 161 11.03 -22.89 14.38
CA VAL B 161 11.55 -22.11 13.25
CA VAL B 161 11.54 -22.06 13.29
C VAL B 161 10.32 -21.54 12.55
N SER B 162 10.34 -20.25 12.25
CA SER B 162 9.19 -19.67 11.59
C SER B 162 9.07 -20.20 10.18
N LEU B 163 7.84 -20.48 9.75
CA LEU B 163 7.64 -21.02 8.41
C LEU B 163 7.53 -19.89 7.41
N SER B 164 7.41 -18.65 7.87
CA SER B 164 7.41 -17.51 6.96
C SER B 164 8.83 -17.03 6.77
N VAL B 165 9.13 -16.58 5.55
CA VAL B 165 10.47 -16.09 5.24
C VAL B 165 10.34 -14.75 4.47
N PRO B 166 10.62 -13.62 5.13
CA PRO B 166 10.69 -12.35 4.40
C PRO B 166 11.95 -12.27 3.56
N VAL B 167 11.79 -11.98 2.27
CA VAL B 167 12.91 -11.90 1.38
C VAL B 167 13.07 -10.47 0.85
N GLY B 168 14.30 -9.96 0.86
CA GLY B 168 14.51 -8.63 0.31
C GLY B 168 15.60 -8.62 -0.75
N ALA B 169 15.62 -7.59 -1.60
CA ALA B 169 16.66 -7.56 -2.64
C ALA B 169 17.05 -6.13 -3.03
N VAL B 170 18.33 -5.95 -3.35
CA VAL B 170 18.83 -4.75 -4.04
C VAL B 170 19.51 -5.28 -5.28
N LEU B 171 18.94 -5.02 -6.45
CA LEU B 171 19.41 -5.67 -7.69
C LEU B 171 19.84 -4.59 -8.64
N ILE B 172 21.02 -4.76 -9.22
CA ILE B 172 21.45 -3.85 -10.31
C ILE B 172 21.45 -4.62 -11.63
N PHE B 173 20.79 -4.06 -12.66
CA PHE B 173 20.73 -4.69 -14.01
C PHE B 173 21.50 -3.78 -14.95
N THR B 174 22.31 -4.38 -15.83
CA THR B 174 23.04 -3.58 -16.80
C THR B 174 22.66 -3.98 -18.23
N ALA B 175 22.54 -2.99 -19.09
CA ALA B 175 22.18 -3.22 -20.50
C ALA B 175 23.40 -3.65 -21.26
N ARG B 176 23.24 -4.68 -22.09
CA ARG B 176 24.36 -5.27 -22.82
C ARG B 176 25.59 -5.37 -21.92
N ASN C 5 -5.14 29.58 1.81
CA ASN C 5 -4.94 29.84 0.40
C ASN C 5 -5.70 29.00 -0.65
N TRP C 6 -5.81 27.69 -0.46
CA TRP C 6 -6.65 26.90 -1.35
CA TRP C 6 -6.61 26.80 -1.32
C TRP C 6 -7.98 26.69 -0.66
N TYR C 7 -9.07 26.87 -1.40
CA TYR C 7 -10.44 26.67 -0.85
C TYR C 7 -11.20 25.62 -1.63
N LEU C 8 -11.97 24.81 -0.90
CA LEU C 8 -12.74 23.74 -1.49
CA LEU C 8 -12.74 23.75 -1.50
C LEU C 8 -13.91 24.29 -2.31
N ASP C 9 -14.07 23.76 -3.51
CA ASP C 9 -15.17 24.11 -4.40
C ASP C 9 -16.27 23.07 -4.20
N ASN C 10 -17.28 23.39 -3.39
CA ASN C 10 -18.29 22.37 -3.05
C ASN C 10 -19.02 21.80 -4.29
N GLU C 11 -19.33 22.66 -5.27
CA GLU C 11 -20.13 22.24 -6.43
C GLU C 11 -19.38 21.25 -7.29
N SER C 12 -18.05 21.24 -7.19
CA SER C 12 -17.23 20.32 -7.98
C SER C 12 -16.81 19.08 -7.21
N SER C 13 -17.15 19.02 -5.92
CA SER C 13 -16.58 17.98 -5.05
C SER C 13 -17.67 17.03 -4.57
N ARG C 14 -17.24 15.85 -4.09
CA ARG C 14 -18.21 14.87 -3.60
C ARG C 14 -17.58 14.11 -2.40
N LEU C 15 -18.33 14.00 -1.32
CA LEU C 15 -17.92 13.21 -0.16
C LEU C 15 -19.04 12.19 0.06
N SER C 16 -18.69 10.90 0.01
CA SER C 16 -19.71 9.86 0.03
C SER C 16 -19.30 8.81 1.03
N PHE C 17 -20.24 7.97 1.43
CA PHE C 17 -19.89 6.85 2.32
C PHE C 17 -20.85 5.69 2.06
N THR C 18 -20.42 4.49 2.38
CA THR C 18 -21.27 3.34 2.14
C THR C 18 -21.68 2.72 3.47
N SER C 19 -22.97 2.48 3.64
CA SER C 19 -23.47 1.70 4.79
C SER C 19 -23.86 0.30 4.31
N THR C 20 -23.73 -0.67 5.20
CA THR C 20 -24.21 -2.01 4.93
C THR C 20 -25.21 -2.39 6.02
N LYS C 21 -26.43 -2.73 5.63
CA LYS C 21 -27.45 -3.12 6.61
C LYS C 21 -27.97 -4.52 6.31
N ASN C 22 -28.59 -5.17 7.30
CA ASN C 22 -29.17 -6.49 7.09
C ASN C 22 -28.22 -7.43 6.38
N ALA C 23 -26.96 -7.36 6.80
CA ALA C 23 -25.94 -8.25 6.26
C ALA C 23 -25.46 -7.92 4.86
N ASP C 24 -26.38 -7.78 3.89
CA ASP C 24 -26.01 -7.71 2.49
C ASP C 24 -26.48 -6.48 1.71
N ILE C 25 -27.13 -5.56 2.37
CA ILE C 25 -27.66 -4.45 1.62
C ILE C 25 -26.74 -3.25 1.71
N ALA C 26 -25.93 -3.03 0.68
CA ALA C 26 -25.03 -1.86 0.71
C ALA C 26 -25.70 -0.71 0.03
N GLU C 27 -25.51 0.49 0.58
CA GLU C 27 -26.06 1.72 0.01
C GLU C 27 -25.03 2.82 0.09
N VAL C 28 -24.96 3.68 -0.93
CA VAL C 28 -24.03 4.82 -0.89
C VAL C 28 -24.79 6.10 -0.59
N HIS C 29 -24.22 6.93 0.29
CA HIS C 29 -24.87 8.16 0.74
C HIS C 29 -23.89 9.28 0.52
N ARG C 30 -24.31 10.52 0.74
CA ARG C 30 -23.36 11.63 0.56
C ARG C 30 -23.72 12.76 1.51
N PHE C 31 -22.79 13.70 1.65
CA PHE C 31 -23.13 15.00 2.24
C PHE C 31 -23.19 16.06 1.16
N LEU C 32 -24.18 16.93 1.22
CA LEU C 32 -24.37 17.91 0.14
C LEU C 32 -23.56 19.19 0.28
N VAL C 33 -23.09 19.49 1.50
CA VAL C 33 -22.41 20.78 1.71
C VAL C 33 -21.11 20.57 2.48
N LEU C 34 -19.98 20.83 1.79
CA LEU C 34 -18.63 20.81 2.39
C LEU C 34 -17.98 22.17 2.29
N HIS C 35 -17.02 22.42 3.18
CA HIS C 35 -16.09 23.55 3.03
C HIS C 35 -14.67 23.02 3.27
N GLY C 36 -13.66 23.78 2.89
CA GLY C 36 -12.31 23.28 3.14
C GLY C 36 -11.26 24.32 2.81
N LYS C 37 -10.10 24.18 3.43
CA LYS C 37 -9.03 25.14 3.17
C LYS C 37 -7.69 24.47 3.39
N VAL C 38 -6.74 24.79 2.52
CA VAL C 38 -5.35 24.41 2.75
C VAL C 38 -4.51 25.66 2.75
N ASP C 39 -3.76 25.87 3.85
CA ASP C 39 -2.91 27.06 3.92
C ASP C 39 -1.52 26.79 3.34
N PRO C 40 -0.74 27.85 3.09
CA PRO C 40 0.54 27.66 2.40
C PRO C 40 1.49 26.76 3.18
N LYS C 41 1.26 26.65 4.48
CA LYS C 41 2.10 25.82 5.32
C LYS C 41 1.64 24.35 5.32
N GLY C 42 0.58 24.07 4.57
CA GLY C 42 0.10 22.69 4.43
C GLY C 42 -0.88 22.22 5.48
N LEU C 43 -1.37 23.15 6.29
CA LEU C 43 -2.42 22.80 7.25
C LEU C 43 -3.72 22.66 6.47
N ALA C 44 -4.28 21.46 6.43
CA ALA C 44 -5.49 21.21 5.63
C ALA C 44 -6.69 20.96 6.55
N GLU C 45 -7.84 21.53 6.22
CA GLU C 45 -9.06 21.26 6.99
C GLU C 45 -10.24 21.14 6.02
N VAL C 46 -11.04 20.11 6.22
CA VAL C 46 -12.31 19.98 5.54
C VAL C 46 -13.38 19.99 6.61
N GLU C 47 -14.47 20.72 6.36
CA GLU C 47 -15.60 20.80 7.29
C GLU C 47 -16.82 20.25 6.57
N VAL C 48 -17.50 19.33 7.21
CA VAL C 48 -18.71 18.78 6.64
C VAL C 48 -19.87 19.31 7.42
N GLU C 49 -20.88 19.86 6.73
CA GLU C 49 -22.14 20.25 7.37
C GLU C 49 -22.94 18.99 7.50
N THR C 50 -23.01 18.48 8.72
CA THR C 50 -23.63 17.16 8.96
C THR C 50 -25.13 17.25 8.73
N GLU C 51 -25.69 18.45 8.82
CA GLU C 51 -27.09 18.59 8.44
C GLU C 51 -27.34 18.25 6.97
N SER C 52 -26.29 18.35 6.14
CA SER C 52 -26.41 18.18 4.69
C SER C 52 -26.39 16.71 4.26
N ILE C 53 -26.40 15.81 5.24
CA ILE C 53 -26.55 14.37 4.97
C ILE C 53 -27.69 14.12 4.01
N SER C 54 -27.42 13.26 3.03
CA SER C 54 -28.47 12.92 2.06
C SER C 54 -28.39 11.44 1.75
N THR C 55 -29.30 10.64 2.31
CA THR C 55 -29.23 9.18 2.11
C THR C 55 -30.26 8.69 1.08
N GLY C 56 -31.07 9.59 0.56
CA GLY C 56 -32.09 9.20 -0.40
C GLY C 56 -33.43 8.92 0.24
N ILE C 57 -33.49 8.87 1.58
CA ILE C 57 -34.76 8.63 2.26
C ILE C 57 -34.87 9.75 3.30
N PRO C 58 -35.75 10.70 3.05
CA PRO C 58 -35.74 11.88 3.92
C PRO C 58 -35.96 11.59 5.39
N LEU C 59 -36.86 10.68 5.72
CA LEU C 59 -37.07 10.39 7.14
C LEU C 59 -35.80 9.79 7.76
N ARG C 60 -35.06 9.01 6.98
CA ARG C 60 -33.80 8.47 7.47
C ARG C 60 -32.78 9.57 7.71
N ASP C 61 -32.72 10.51 6.79
CA ASP C 61 -31.82 11.65 6.96
C ASP C 61 -32.12 12.34 8.29
N GLU C 62 -33.40 12.53 8.56
CA GLU C 62 -33.76 13.19 9.82
C GLU C 62 -33.38 12.40 11.05
N ARG C 63 -33.64 11.09 11.05
CA ARG C 63 -33.22 10.22 12.15
C ARG C 63 -31.71 10.31 12.35
N LEU C 64 -30.97 10.29 11.25
CA LEU C 64 -29.50 10.41 11.39
C LEU C 64 -29.08 11.77 11.98
N ARG C 65 -29.73 12.84 11.52
CA ARG C 65 -29.44 14.19 11.99
C ARG C 65 -29.76 14.34 13.46
N GLU C 66 -30.76 13.61 13.94
CA GLU C 66 -31.15 13.71 15.37
C GLU C 66 -30.35 12.82 16.27
N GLN C 67 -30.21 11.58 15.85
CA GLN C 67 -29.75 10.51 16.73
C GLN C 67 -28.27 10.19 16.59
N VAL C 68 -27.74 10.23 15.36
CA VAL C 68 -26.36 9.84 15.10
C VAL C 68 -25.45 11.06 15.05
N PHE C 69 -25.67 11.95 14.09
CA PHE C 69 -24.87 13.15 14.02
C PHE C 69 -25.18 14.13 15.18
N GLN C 70 -26.39 14.06 15.71
CA GLN C 70 -26.83 15.09 16.66
C GLN C 70 -26.53 16.54 16.23
N VAL C 71 -27.04 16.95 15.07
CA VAL C 71 -26.68 18.22 14.48
C VAL C 71 -27.05 19.46 15.33
N HIS C 72 -27.95 19.29 16.29
CA HIS C 72 -28.37 20.42 17.13
C HIS C 72 -27.23 20.76 18.06
N LYS C 73 -26.32 19.82 18.26
CA LYS C 73 -25.15 20.08 19.08
C LYS C 73 -23.91 20.17 18.22
N PHE C 74 -23.88 19.39 17.13
CA PHE C 74 -22.65 19.27 16.33
C PHE C 74 -22.91 19.39 14.82
N PRO C 75 -23.14 20.62 14.35
CA PRO C 75 -23.51 20.84 12.94
C PRO C 75 -22.32 20.66 12.02
N VAL C 76 -21.10 20.54 12.55
CA VAL C 76 -19.91 20.40 11.73
C VAL C 76 -19.11 19.17 12.18
N ALA C 77 -18.63 18.39 11.20
CA ALA C 77 -17.57 17.39 11.39
C ALA C 77 -16.31 17.96 10.74
N GLN C 78 -15.13 17.62 11.27
CA GLN C 78 -13.89 18.24 10.77
C GLN C 78 -12.92 17.15 10.36
N ILE C 79 -12.18 17.37 9.28
CA ILE C 79 -11.14 16.42 8.91
C ILE C 79 -9.90 17.24 8.80
N ASN C 80 -8.83 16.83 9.51
CA ASN C 80 -7.63 17.68 9.59
C ASN C 80 -6.38 16.90 9.19
N ALA C 81 -5.49 17.51 8.40
CA ALA C 81 -4.21 16.87 8.16
C ALA C 81 -3.13 17.90 7.93
N GLN C 82 -1.88 17.45 7.96
CA GLN C 82 -0.72 18.30 7.71
C GLN C 82 0.03 17.78 6.50
N LEU C 83 0.12 18.59 5.45
CA LEU C 83 0.76 18.17 4.20
C LEU C 83 2.18 18.72 4.10
N ASP C 84 3.01 18.00 3.38
CA ASP C 84 4.29 18.53 2.95
C ASP C 84 4.03 19.13 1.59
N ARG C 86 5.89 20.82 -0.46
CA ARG C 86 6.95 20.85 -1.47
C ARG C 86 6.60 20.02 -2.74
N PRO C 87 6.37 18.72 -2.58
CA PRO C 87 6.12 17.89 -3.77
C PRO C 87 4.80 18.22 -4.45
N ILE C 88 3.84 18.74 -3.69
CA ILE C 88 2.52 19.03 -4.24
C ILE C 88 2.61 20.27 -5.12
N ASN C 89 3.29 21.30 -4.62
CA ASN C 89 3.51 22.53 -5.39
C ASN C 89 4.39 22.31 -6.60
N ASN C 90 5.24 21.30 -6.53
CA ASN C 90 6.06 20.95 -7.69
C ASN C 90 5.33 20.17 -8.77
N LEU C 91 4.08 19.77 -8.55
CA LEU C 91 3.41 18.99 -9.59
C LEU C 91 3.06 19.89 -10.76
N ALA C 92 3.31 19.40 -11.96
CA ALA C 92 2.93 20.14 -13.17
C ALA C 92 1.44 19.92 -13.36
N PRO C 93 0.76 20.86 -14.04
CA PRO C 93 -0.64 20.61 -14.42
C PRO C 93 -0.77 19.29 -15.14
N GLY C 94 -1.77 18.52 -14.75
CA GLY C 94 -1.96 17.18 -15.27
C GLY C 94 -1.22 16.06 -14.54
N ALA C 95 -0.25 16.39 -13.69
CA ALA C 95 0.57 15.40 -12.99
C ALA C 95 -0.05 14.97 -11.65
N GLN C 96 0.23 13.74 -11.22
CA GLN C 96 -0.34 13.21 -10.00
C GLN C 96 0.70 12.68 -9.05
N LEU C 97 0.36 12.71 -7.77
CA LEU C 97 1.21 12.17 -6.71
C LEU C 97 0.38 11.33 -5.77
N GLU C 98 0.82 10.10 -5.50
CA GLU C 98 0.14 9.28 -4.51
C GLU C 98 0.63 9.70 -3.11
N LEU C 99 -0.30 10.01 -2.20
CA LEU C 99 0.01 10.43 -0.82
C LEU C 99 -0.64 9.45 0.13
N ARG C 100 0.14 8.80 1.00
CA ARG C 100 -0.45 8.01 2.08
C ARG C 100 -0.29 8.87 3.32
N LEU C 101 -1.43 9.33 3.84
CA LEU C 101 -1.47 10.51 4.70
C LEU C 101 -2.18 10.24 6.04
N PRO C 102 -1.47 10.34 7.17
CA PRO C 102 -2.22 10.35 8.43
C PRO C 102 -3.15 11.56 8.49
N LEU C 103 -4.36 11.36 8.98
CA LEU C 103 -5.23 12.51 9.24
C LEU C 103 -6.09 12.22 10.45
N THR C 104 -6.82 13.25 10.89
CA THR C 104 -7.75 13.13 12.02
CA THR C 104 -7.79 13.01 11.96
C THR C 104 -9.18 13.46 11.57
N VAL C 105 -10.14 12.70 12.02
CA VAL C 105 -11.56 13.00 11.80
C VAL C 105 -12.14 13.33 13.19
N SER C 106 -12.87 14.42 13.26
CA SER C 106 -13.58 14.77 14.45
C SER C 106 -15.10 14.84 14.21
N LEU C 107 -15.82 13.96 14.89
CA LEU C 107 -17.26 13.87 14.84
C LEU C 107 -17.80 13.97 16.24
N ARG C 108 -18.74 14.87 16.50
CA ARG C 108 -19.21 15.14 17.86
C ARG C 108 -18.12 15.52 18.88
N GLY C 109 -17.12 16.17 18.42
CA GLY C 109 -16.13 16.46 19.42
C GLY C 109 -15.35 15.25 19.90
N LYS C 110 -15.55 14.11 19.26
CA LYS C 110 -14.57 13.07 19.43
C LYS C 110 -13.64 13.01 18.20
N SER C 111 -12.36 12.82 18.43
CA SER C 111 -11.37 12.74 17.34
C SER C 111 -10.71 11.35 17.24
N HIS C 112 -10.40 10.92 16.02
CA HIS C 112 -9.69 9.69 15.84
C HIS C 112 -8.77 9.81 14.67
N SER C 113 -7.66 9.07 14.73
CA SER C 113 -6.63 9.13 13.66
C SER C 113 -6.75 7.95 12.69
N TYR C 114 -6.60 8.26 11.40
CA TYR C 114 -6.60 7.23 10.37
C TYR C 114 -5.51 7.50 9.35
N ASN C 115 -5.24 6.51 8.52
CA ASN C 115 -4.30 6.73 7.44
C ASN C 115 -5.06 6.69 6.11
N ALA C 116 -4.99 7.78 5.36
CA ALA C 116 -5.69 7.87 4.07
C ALA C 116 -4.77 7.55 2.88
N GLU C 117 -5.35 6.97 1.83
CA GLU C 117 -4.57 6.75 0.62
C GLU C 117 -5.16 7.68 -0.41
N LEU C 118 -4.43 8.74 -0.74
CA LEU C 118 -4.99 9.80 -1.57
C LEU C 118 -4.18 9.94 -2.83
N LEU C 119 -4.82 10.52 -3.85
CA LEU C 119 -4.13 10.90 -5.08
C LEU C 119 -4.31 12.38 -5.19
N ALA C 120 -3.21 13.11 -5.31
CA ALA C 120 -3.27 14.55 -5.50
C ALA C 120 -2.92 14.85 -6.96
N THR C 121 -3.77 15.58 -7.69
CA THR C 121 -3.49 15.89 -9.11
C THR C 121 -3.66 17.40 -9.37
N ARG C 122 -2.66 18.03 -9.97
CA ARG C 122 -2.83 19.43 -10.26
C ARG C 122 -3.68 19.55 -11.52
N LEU C 123 -4.75 20.33 -11.49
CA LEU C 123 -5.63 20.44 -12.65
C LEU C 123 -5.19 21.57 -13.58
N ASP C 124 -4.82 22.71 -12.99
CA ASP C 124 -4.36 23.85 -13.78
C ASP C 124 -3.62 24.78 -12.81
N GLU C 125 -3.36 26.01 -13.25
CA GLU C 125 -2.52 26.88 -12.46
C GLU C 125 -3.10 27.15 -11.08
N ARG C 126 -4.41 27.23 -10.97
CA ARG C 126 -5.05 27.55 -9.69
C ARG C 126 -6.01 26.48 -9.13
N ARG C 127 -5.94 25.26 -9.63
CA ARG C 127 -6.93 24.24 -9.26
C ARG C 127 -6.29 22.89 -9.03
N PHE C 128 -6.75 22.21 -7.97
CA PHE C 128 -6.10 21.02 -7.53
C PHE C 128 -7.14 20.00 -7.17
N GLN C 129 -6.92 18.73 -7.50
CA GLN C 129 -7.86 17.67 -7.12
C GLN C 129 -7.23 16.71 -6.12
N VAL C 130 -8.03 16.28 -5.13
CA VAL C 130 -7.60 15.24 -4.21
C VAL C 130 -8.69 14.17 -4.19
N VAL C 131 -8.33 12.93 -4.47
CA VAL C 131 -9.29 11.84 -4.45
CA VAL C 131 -9.29 11.85 -4.44
C VAL C 131 -8.81 10.69 -3.56
N THR C 132 -9.73 10.02 -2.94
CA THR C 132 -9.37 8.81 -2.20
C THR C 132 -9.08 7.73 -3.24
N LEU C 133 -7.84 7.25 -3.27
CA LEU C 133 -7.48 6.14 -4.15
C LEU C 133 -8.15 4.89 -3.71
N GLU C 134 -8.27 4.75 -2.42
CA GLU C 134 -9.08 3.72 -1.79
C GLU C 134 -9.90 4.37 -0.67
N PRO C 135 -11.12 3.88 -0.40
CA PRO C 135 -11.93 4.54 0.61
C PRO C 135 -11.31 4.38 2.01
N LEU C 136 -11.58 5.36 2.85
CA LEU C 136 -11.09 5.41 4.22
C LEU C 136 -12.16 4.81 5.13
N VAL C 137 -11.80 3.74 5.83
CA VAL C 137 -12.80 3.07 6.68
C VAL C 137 -12.78 3.62 8.12
N ILE C 138 -13.92 4.17 8.55
CA ILE C 138 -14.05 4.58 9.96
C ILE C 138 -14.98 3.61 10.68
N HIS C 139 -15.00 3.65 12.01
CA HIS C 139 -15.76 2.63 12.75
C HIS C 139 -16.52 3.38 13.83
N ALA C 140 -17.79 3.00 14.04
CA ALA C 140 -18.66 3.69 15.01
C ALA C 140 -17.98 3.82 16.37
N GLN C 141 -17.22 2.81 16.77
CA GLN C 141 -16.64 2.81 18.11
C GLN C 141 -15.64 3.94 18.29
N ASP C 142 -15.03 4.37 17.19
CA ASP C 142 -14.06 5.46 17.23
C ASP C 142 -14.62 6.78 17.68
N PHE C 143 -15.94 6.91 17.62
CA PHE C 143 -16.62 8.16 17.96
C PHE C 143 -17.70 7.91 18.97
N ASP C 144 -17.64 6.77 19.65
CA ASP C 144 -18.63 6.43 20.67
CA ASP C 144 -18.62 6.43 20.67
C ASP C 144 -20.05 6.38 20.09
N VAL C 146 -21.50 3.38 18.85
CA VAL C 146 -22.01 2.02 18.70
C VAL C 146 -23.47 1.94 19.14
N SER C 147 -23.78 2.48 20.31
CA SER C 147 -25.18 2.39 20.76
C SER C 147 -26.12 3.18 19.85
N ASP C 148 -25.59 4.23 19.23
CA ASP C 148 -26.38 5.01 18.26
C ASP C 148 -26.68 4.19 16.96
N PHE C 149 -25.67 3.48 16.44
CA PHE C 149 -25.95 2.61 15.29
C PHE C 149 -26.96 1.52 15.65
N ASN C 150 -26.76 0.88 16.82
CA ASN C 150 -27.64 -0.19 17.26
C ASN C 150 -29.08 0.29 17.45
N ALA C 151 -29.20 1.51 17.99
CA ALA C 151 -30.50 2.18 18.12
C ALA C 151 -31.27 2.26 16.80
N LEU C 152 -30.54 2.48 15.70
CA LEU C 152 -31.13 2.73 14.38
C LEU C 152 -31.68 1.46 13.83
N ARG C 153 -30.79 0.49 13.83
CA ARG C 153 -31.02 -0.84 13.30
C ARG C 153 -32.35 -1.31 13.84
N ASN C 154 -32.56 -1.04 15.12
CA ASN C 154 -33.73 -1.56 15.79
C ASN C 154 -34.98 -0.82 15.41
N ALA C 155 -35.06 0.43 15.83
CA ALA C 155 -36.31 1.18 15.71
C ALA C 155 -36.77 1.22 14.24
N ALA C 156 -35.83 1.07 13.32
CA ALA C 156 -36.16 0.96 11.89
C ALA C 156 -35.84 -0.46 11.45
N GLY C 157 -36.59 -1.41 12.02
CA GLY C 157 -36.30 -2.84 12.12
C GLY C 157 -35.42 -3.64 11.16
N LEU C 158 -34.12 -3.67 11.43
CA LEU C 158 -33.15 -4.35 10.59
C LEU C 158 -32.47 -5.48 11.35
N SER C 159 -31.87 -6.42 10.62
CA SER C 159 -30.99 -7.41 11.25
C SER C 159 -29.82 -6.72 11.93
N ALA C 160 -29.42 -5.55 11.41
CA ALA C 160 -28.10 -5.00 11.73
C ALA C 160 -27.68 -3.85 10.80
N VAL C 161 -26.94 -2.88 11.35
CA VAL C 161 -26.19 -1.88 10.54
C VAL C 161 -24.71 -2.08 10.85
N SER C 162 -23.89 -2.30 9.82
CA SER C 162 -22.46 -2.51 10.01
C SER C 162 -21.82 -1.32 10.72
N LEU C 163 -20.92 -1.60 11.66
CA LEU C 163 -20.26 -0.52 12.39
C LEU C 163 -19.12 0.14 11.63
N SER C 164 -18.66 -0.47 10.55
CA SER C 164 -17.68 0.17 9.68
C SER C 164 -18.37 0.96 8.56
N VAL C 165 -17.82 2.14 8.25
CA VAL C 165 -18.35 3.01 7.21
C VAL C 165 -17.17 3.47 6.34
N PRO C 166 -17.05 2.88 5.13
CA PRO C 166 -16.03 3.35 4.18
C PRO C 166 -16.43 4.69 3.60
N VAL C 167 -15.49 5.64 3.60
CA VAL C 167 -15.74 7.01 3.14
C VAL C 167 -14.89 7.29 1.89
N GLY C 168 -15.51 7.83 0.84
CA GLY C 168 -14.72 8.23 -0.35
C GLY C 168 -14.90 9.72 -0.59
N ALA C 169 -13.95 10.32 -1.32
CA ALA C 169 -14.05 11.74 -1.62
C ALA C 169 -13.36 12.08 -2.91
N VAL C 170 -13.98 13.01 -3.63
CA VAL C 170 -13.30 13.71 -4.74
C VAL C 170 -13.40 15.19 -4.42
N LEU C 171 -12.27 15.82 -4.12
CA LEU C 171 -12.28 17.19 -3.62
C LEU C 171 -11.55 18.07 -4.58
N ILE C 172 -12.17 19.17 -4.99
CA ILE C 172 -11.56 20.14 -5.88
C ILE C 172 -11.29 21.41 -5.10
N PHE C 173 -10.05 21.89 -5.14
CA PHE C 173 -9.67 23.09 -4.40
C PHE C 173 -9.19 24.10 -5.39
N THR C 174 -9.50 25.34 -5.09
CA THR C 174 -9.13 26.44 -5.97
C THR C 174 -8.35 27.50 -5.19
N ALA C 175 -7.30 28.03 -5.80
CA ALA C 175 -6.41 29.02 -5.18
C ALA C 175 -7.11 30.33 -4.87
N ALA D 4 25.44 23.63 2.63
CA ALA D 4 24.41 22.92 1.88
C ALA D 4 23.94 21.63 2.60
N ASN D 5 22.74 21.65 3.17
CA ASN D 5 22.25 20.53 3.94
C ASN D 5 21.56 19.58 2.97
N TRP D 6 21.48 18.30 3.33
CA TRP D 6 20.70 17.32 2.59
C TRP D 6 19.46 17.02 3.42
N TYR D 7 18.30 17.04 2.79
CA TYR D 7 17.04 16.77 3.49
C TYR D 7 16.35 15.53 2.95
N LEU D 8 15.67 14.82 3.84
N LEU D 8 15.67 14.81 3.84
CA LEU D 8 15.00 13.58 3.45
CA LEU D 8 14.97 13.59 3.45
C LEU D 8 13.70 13.91 2.71
C LEU D 8 13.72 13.97 2.67
N ASP D 9 13.52 13.34 1.53
CA ASP D 9 12.28 13.53 0.76
C ASP D 9 11.32 12.39 1.12
N ASN D 10 10.37 12.67 2.00
CA ASN D 10 9.50 11.62 2.55
C ASN D 10 8.70 10.90 1.47
N GLU D 11 8.30 11.63 0.43
CA GLU D 11 7.48 11.06 -0.62
C GLU D 11 8.23 10.04 -1.48
N SER D 12 9.56 10.00 -1.36
CA SER D 12 10.38 9.11 -2.16
C SER D 12 11.00 8.04 -1.30
N SER D 13 10.67 8.05 -0.01
CA SER D 13 11.35 7.20 0.98
C SER D 13 10.39 6.23 1.69
N ARG D 14 10.93 5.15 2.26
CA ARG D 14 10.10 4.14 2.95
C ARG D 14 10.90 3.59 4.11
N LEU D 15 10.35 3.62 5.32
CA LEU D 15 10.97 2.90 6.46
C LEU D 15 9.94 1.87 6.84
N SER D 16 10.34 0.60 6.84
CA SER D 16 9.38 -0.49 7.06
C SER D 16 9.95 -1.45 8.09
N PHE D 17 9.10 -2.33 8.58
CA PHE D 17 9.57 -3.35 9.48
C PHE D 17 8.67 -4.56 9.44
N THR D 18 9.24 -5.69 9.87
CA THR D 18 8.51 -6.94 9.77
C THR D 18 8.26 -7.57 11.12
N SER D 19 7.00 -7.84 11.43
CA SER D 19 6.68 -8.57 12.65
C SER D 19 6.31 -10.02 12.31
N THR D 20 6.56 -10.93 13.24
CA THR D 20 6.14 -12.30 13.02
C THR D 20 5.21 -12.66 14.19
N LYS D 21 3.99 -13.06 13.87
CA LYS D 21 3.01 -13.41 14.90
C LYS D 21 2.60 -14.86 14.81
N ASN D 22 2.03 -15.36 15.91
CA ASN D 22 1.51 -16.74 15.95
C ASN D 22 2.51 -17.70 15.33
N ALA D 23 3.78 -17.44 15.61
CA ALA D 23 4.89 -18.28 15.18
C ALA D 23 5.23 -18.16 13.69
N ASP D 24 4.22 -18.18 12.85
CA ASP D 24 4.48 -18.49 11.45
C ASP D 24 4.04 -17.45 10.47
N ILE D 25 3.54 -16.31 10.96
CA ILE D 25 2.95 -15.31 10.06
C ILE D 25 3.72 -14.00 10.10
N ALA D 26 4.51 -13.72 9.08
CA ALA D 26 5.27 -12.45 9.06
C ALA D 26 4.47 -11.39 8.27
N GLU D 27 4.45 -10.15 8.76
CA GLU D 27 3.73 -9.08 8.06
C GLU D 27 4.62 -7.85 8.04
N VAL D 28 4.52 -7.04 6.99
CA VAL D 28 5.41 -5.90 6.82
C VAL D 28 4.60 -4.63 7.07
N HIS D 29 5.10 -3.78 7.95
CA HIS D 29 4.42 -2.51 8.31
C HIS D 29 5.30 -1.34 7.92
N ARG D 30 4.76 -0.12 7.95
CA ARG D 30 5.58 1.02 7.55
C ARG D 30 5.19 2.22 8.41
N PHE D 31 6.04 3.23 8.39
CA PHE D 31 5.66 4.55 8.96
C PHE D 31 5.47 5.49 7.77
N LEU D 32 4.47 6.38 7.83
CA LEU D 32 4.17 7.21 6.68
C LEU D 32 4.85 8.54 6.65
N VAL D 33 5.35 8.98 7.81
CA VAL D 33 5.91 10.30 7.91
C VAL D 33 7.26 10.22 8.60
N LEU D 34 8.29 10.56 7.82
CA LEU D 34 9.66 10.71 8.27
C LEU D 34 10.16 12.11 7.95
N HIS D 35 11.21 12.54 8.66
CA HIS D 35 11.95 13.76 8.31
C HIS D 35 13.41 13.40 8.50
N GLY D 36 14.30 14.16 7.90
CA GLY D 36 15.70 13.85 8.04
C GLY D 36 16.55 14.96 7.48
N LYS D 37 17.77 15.00 7.95
CA LYS D 37 18.74 16.01 7.52
C LYS D 37 20.13 15.42 7.69
N VAL D 38 21.02 15.68 6.73
CA VAL D 38 22.44 15.44 6.93
C VAL D 38 23.19 16.76 6.69
N ASP D 39 23.92 17.25 7.67
CA ASP D 39 24.64 18.52 7.49
C ASP D 39 26.01 18.28 6.83
N PRO D 40 26.66 19.36 6.38
CA PRO D 40 27.90 19.17 5.62
C PRO D 40 28.99 18.39 6.37
N LYS D 41 28.97 18.43 7.70
CA LYS D 41 29.97 17.72 8.51
C LYS D 41 29.61 16.26 8.67
N GLY D 42 28.46 15.89 8.14
CA GLY D 42 28.08 14.50 8.19
C GLY D 42 27.24 14.09 9.39
N LEU D 43 26.76 15.05 10.18
CA LEU D 43 25.84 14.76 11.25
C LEU D 43 24.50 14.41 10.61
N ALA D 44 24.03 13.20 10.88
CA ALA D 44 22.81 12.73 10.23
C ALA D 44 21.75 12.43 11.25
N GLU D 45 20.54 12.88 10.94
CA GLU D 45 19.42 12.61 11.84
C GLU D 45 18.20 12.25 11.00
N VAL D 46 17.49 11.22 11.43
CA VAL D 46 16.21 10.87 10.80
C VAL D 46 15.23 10.83 11.93
N GLU D 47 14.05 11.43 11.72
CA GLU D 47 13.01 11.46 12.74
C GLU D 47 11.78 10.74 12.23
N VAL D 48 11.22 9.84 13.04
CA VAL D 48 10.03 9.11 12.62
C VAL D 48 8.83 9.60 13.41
N GLU D 49 7.73 10.00 12.75
CA GLU D 49 6.53 10.36 13.54
C GLU D 49 5.79 9.08 13.88
N THR D 50 5.87 8.63 15.13
CA THR D 50 5.40 7.27 15.38
C THR D 50 3.87 7.14 15.27
N GLU D 51 3.14 8.24 15.38
CA GLU D 51 1.71 8.17 15.15
C GLU D 51 1.40 7.80 13.71
N SER D 52 2.38 7.96 12.81
CA SER D 52 2.14 7.60 11.39
C SER D 52 2.31 6.12 11.04
N ILE D 53 2.39 5.25 12.05
CA ILE D 53 2.41 3.80 11.86
C ILE D 53 1.23 3.37 10.96
N SER D 54 1.52 2.53 10.01
CA SER D 54 0.48 1.99 9.13
C SER D 54 0.69 0.49 8.96
N THR D 55 -0.28 -0.29 9.41
CA THR D 55 -0.20 -1.74 9.32
C THR D 55 -1.29 -2.29 8.42
N GLY D 56 -2.18 -1.41 7.95
CA GLY D 56 -3.26 -1.83 7.07
C GLY D 56 -4.51 -2.30 7.82
N ILE D 57 -4.44 -2.30 9.15
CA ILE D 57 -5.59 -2.62 9.99
C ILE D 57 -5.71 -1.49 11.02
N PRO D 58 -6.78 -0.69 10.93
CA PRO D 58 -6.85 0.51 11.78
C PRO D 58 -6.79 0.17 13.26
N LEU D 59 -7.45 -0.89 13.68
CA LEU D 59 -7.51 -1.22 15.10
C LEU D 59 -6.11 -1.56 15.56
N ARG D 60 -5.33 -2.18 14.68
CA ARG D 60 -3.96 -2.56 15.05
C ARG D 60 -3.06 -1.32 15.08
N ASP D 61 -3.30 -0.39 14.15
CA ASP D 61 -2.53 0.86 14.15
C ASP D 61 -2.75 1.56 15.49
N GLU D 62 -4.01 1.63 15.92
CA GLU D 62 -4.42 2.26 17.17
CA GLU D 62 -4.32 2.32 17.16
C GLU D 62 -3.75 1.57 18.38
N ARG D 63 -3.83 0.23 18.41
CA ARG D 63 -3.17 -0.48 19.50
C ARG D 63 -1.68 -0.23 19.54
N LEU D 64 -1.02 -0.21 18.38
CA LEU D 64 0.42 0.10 18.38
C LEU D 64 0.69 1.52 18.85
N ARG D 65 -0.13 2.47 18.41
CA ARG D 65 0.06 3.88 18.78
C ARG D 65 0.00 4.03 20.33
N GLU D 66 -1.03 3.42 20.92
CA GLU D 66 -1.34 3.65 22.34
C GLU D 66 -0.46 2.82 23.25
N GLN D 67 -0.27 1.55 22.90
CA GLN D 67 0.30 0.56 23.82
C GLN D 67 1.78 0.30 23.64
N VAL D 68 2.24 0.30 22.39
CA VAL D 68 3.62 -0.07 22.10
C VAL D 68 4.48 1.17 21.90
N PHE D 69 4.12 2.00 20.94
CA PHE D 69 4.83 3.24 20.70
C PHE D 69 4.54 4.31 21.77
N GLN D 70 3.35 4.28 22.36
CA GLN D 70 2.96 5.31 23.34
C GLN D 70 3.17 6.73 22.84
N VAL D 71 2.49 7.06 21.74
CA VAL D 71 2.75 8.26 21.01
C VAL D 71 2.39 9.49 21.83
N HIS D 72 1.52 9.31 22.82
CA HIS D 72 1.16 10.42 23.72
C HIS D 72 2.35 10.84 24.57
N LYS D 73 3.28 9.92 24.82
CA LYS D 73 4.47 10.25 25.56
C LYS D 73 5.65 10.44 24.64
N PHE D 74 5.66 9.74 23.50
CA PHE D 74 6.84 9.73 22.68
C PHE D 74 6.39 9.81 21.21
N PRO D 75 6.08 11.02 20.72
CA PRO D 75 5.55 11.15 19.34
C PRO D 75 6.61 10.99 18.29
N VAL D 76 7.89 11.04 18.68
CA VAL D 76 8.94 10.80 17.71
C VAL D 76 9.90 9.72 18.16
N ALA D 77 10.45 9.03 17.18
CA ALA D 77 11.64 8.22 17.37
C ALA D 77 12.76 8.86 16.55
N GLN D 78 14.00 8.76 17.02
CA GLN D 78 15.07 9.48 16.34
C GLN D 78 16.19 8.53 16.01
N ILE D 79 16.81 8.70 14.84
CA ILE D 79 18.00 7.90 14.47
C ILE D 79 19.12 8.87 14.19
N ASN D 80 20.28 8.64 14.80
CA ASN D 80 21.38 9.59 14.67
C ASN D 80 22.64 8.86 14.30
N ALA D 81 23.44 9.47 13.44
CA ALA D 81 24.72 8.88 13.03
C ALA D 81 25.66 9.98 12.60
N GLN D 82 26.93 9.64 12.52
CA GLN D 82 27.92 10.58 12.07
C GLN D 82 28.60 9.88 10.88
N LEU D 83 28.44 10.45 9.69
CA LEU D 83 29.01 9.85 8.48
C LEU D 83 30.41 10.35 8.23
N ASP D 84 31.23 9.52 7.60
CA ASP D 84 32.39 10.02 6.88
C ASP D 84 31.92 10.43 5.48
N ARG D 86 33.19 12.26 2.80
CA ARG D 86 34.05 12.30 1.61
C ARG D 86 33.78 11.16 0.63
N PRO D 87 33.83 9.89 1.09
CA PRO D 87 33.61 8.77 0.18
C PRO D 87 32.27 8.84 -0.51
N ILE D 88 31.25 9.35 0.18
CA ILE D 88 29.91 9.39 -0.40
C ILE D 88 29.82 10.55 -1.38
N ASN D 89 30.47 11.64 -1.01
CA ASN D 89 30.62 12.78 -1.90
C ASN D 89 31.32 12.42 -3.21
N ASN D 90 32.37 11.61 -3.10
CA ASN D 90 33.16 11.18 -4.26
C ASN D 90 32.39 10.38 -5.30
N LEU D 91 31.24 9.83 -4.91
CA LEU D 91 30.53 8.94 -5.80
C LEU D 91 30.12 9.64 -7.10
N ALA D 92 30.46 9.02 -8.23
CA ALA D 92 29.93 9.49 -9.50
C ALA D 92 28.44 9.25 -9.47
N PRO D 93 27.68 9.98 -10.30
CA PRO D 93 26.26 9.62 -10.42
C PRO D 93 26.08 8.19 -10.88
N GLY D 94 25.13 7.53 -10.25
CA GLY D 94 24.78 6.17 -10.56
C GLY D 94 25.72 5.24 -9.85
N ALA D 95 26.77 5.78 -9.24
CA ALA D 95 27.75 4.96 -8.52
C ALA D 95 27.30 4.67 -7.10
N GLN D 96 27.66 3.49 -6.60
CA GLN D 96 27.23 3.01 -5.30
C GLN D 96 28.41 2.68 -4.39
N LEU D 97 28.19 2.87 -3.09
CA LEU D 97 29.20 2.59 -2.09
C LEU D 97 28.55 1.81 -0.96
N GLU D 98 29.19 0.74 -0.51
CA GLU D 98 28.71 -0.03 0.65
C GLU D 98 29.38 0.50 1.88
N LEU D 99 28.61 0.70 2.95
CA LEU D 99 29.23 1.15 4.20
C LEU D 99 28.61 0.48 5.41
N ARG D 100 29.37 0.47 6.51
CA ARG D 100 28.89 -0.03 7.78
C ARG D 100 28.81 1.24 8.66
N LEU D 101 27.60 1.64 9.05
CA LEU D 101 27.38 2.93 9.72
C LEU D 101 26.92 2.71 11.16
N PRO D 102 27.80 2.98 12.14
CA PRO D 102 27.28 2.94 13.52
C PRO D 102 26.21 4.04 13.70
N LEU D 103 25.15 3.71 14.45
CA LEU D 103 24.07 4.65 14.64
C LEU D 103 23.39 4.36 15.95
N THR D 104 22.56 5.28 16.39
CA THR D 104 21.87 5.08 17.65
C THR D 104 20.41 5.39 17.32
N VAL D 105 19.54 4.55 17.86
CA VAL D 105 18.09 4.73 17.78
C VAL D 105 17.53 5.11 19.16
N SER D 106 16.71 6.16 19.20
CA SER D 106 15.96 6.52 20.39
CA SER D 106 15.96 6.49 20.40
C SER D 106 14.48 6.24 20.13
N LEU D 107 13.93 5.30 20.87
CA LEU D 107 12.55 4.90 20.67
C LEU D 107 11.93 4.67 22.04
N ARG D 108 10.74 5.22 22.24
CA ARG D 108 10.04 5.10 23.50
C ARG D 108 10.87 5.45 24.74
N GLY D 109 11.64 6.52 24.61
CA GLY D 109 12.39 7.04 25.74
C GLY D 109 13.60 6.22 26.10
N LYS D 110 13.99 5.31 25.22
CA LYS D 110 15.20 4.54 25.48
C LYS D 110 16.11 4.58 24.24
N SER D 111 17.41 4.36 24.40
CA SER D 111 18.31 4.36 23.24
CA SER D 111 18.33 4.39 23.25
C SER D 111 19.10 3.07 23.14
N HIS D 112 19.42 2.70 21.91
CA HIS D 112 20.24 1.50 21.66
C HIS D 112 21.06 1.77 20.41
N SER D 113 22.27 1.23 20.35
CA SER D 113 23.11 1.50 19.20
C SER D 113 23.23 0.25 18.32
N TYR D 114 23.46 0.50 17.04
CA TYR D 114 23.48 -0.59 16.04
C TYR D 114 24.55 -0.26 15.06
N ASN D 115 24.82 -1.19 14.17
CA ASN D 115 25.68 -0.89 13.03
C ASN D 115 25.00 -1.34 11.76
N ALA D 116 24.58 -0.39 10.93
CA ALA D 116 23.78 -0.75 9.75
C ALA D 116 24.66 -1.05 8.55
N GLU D 117 24.29 -2.02 7.76
CA GLU D 117 24.98 -2.25 6.49
C GLU D 117 24.17 -1.56 5.40
N LEU D 118 24.76 -0.52 4.81
CA LEU D 118 24.01 0.35 3.88
C LEU D 118 24.63 0.43 2.53
N LEU D 119 23.83 0.75 1.53
CA LEU D 119 24.35 1.03 0.21
C LEU D 119 23.96 2.45 -0.05
N ALA D 120 24.93 3.25 -0.43
CA ALA D 120 24.71 4.64 -0.75
C ALA D 120 24.95 4.78 -2.23
N THR D 121 23.98 5.37 -2.91
CA THR D 121 24.04 5.56 -4.35
C THR D 121 23.76 7.02 -4.71
N ARG D 122 24.66 7.63 -5.46
CA ARG D 122 24.42 9.00 -5.88
C ARG D 122 23.45 8.97 -7.04
N LEU D 123 22.30 9.61 -6.91
CA LEU D 123 21.31 9.63 -7.97
C LEU D 123 21.55 10.70 -9.02
N ASP D 124 21.99 11.86 -8.55
CA ASP D 124 22.30 12.99 -9.37
C ASP D 124 23.16 13.92 -8.59
N GLU D 125 23.41 15.13 -9.07
CA GLU D 125 24.30 16.05 -8.36
C GLU D 125 23.81 16.43 -7.01
N ARG D 126 22.52 16.33 -6.84
CA ARG D 126 21.91 16.84 -5.65
C ARG D 126 21.03 15.83 -4.93
N ARG D 127 21.08 14.58 -5.34
CA ARG D 127 20.32 13.57 -4.61
C ARG D 127 21.07 12.30 -4.43
N PHE D 128 20.95 11.74 -3.24
CA PHE D 128 21.51 10.44 -2.84
CA PHE D 128 21.42 10.38 -3.07
C PHE D 128 20.41 9.47 -2.38
N GLN D 129 20.61 8.18 -2.61
CA GLN D 129 19.70 7.17 -2.08
C GLN D 129 20.50 6.35 -1.08
N VAL D 130 19.89 6.02 0.05
CA VAL D 130 20.54 5.14 1.01
C VAL D 130 19.58 4.00 1.28
N VAL D 131 20.06 2.77 1.17
CA VAL D 131 19.21 1.62 1.43
CA VAL D 131 19.24 1.58 1.35
C VAL D 131 19.89 0.63 2.35
N THR D 132 19.09 -0.02 3.19
CA THR D 132 19.61 -1.08 4.02
C THR D 132 19.92 -2.30 3.11
N LEU D 133 21.17 -2.73 3.07
CA LEU D 133 21.53 -3.90 2.26
C LEU D 133 21.03 -5.16 2.91
N GLU D 134 21.00 -5.11 4.25
CA GLU D 134 20.27 -6.07 5.11
C GLU D 134 19.48 -5.29 6.15
N PRO D 135 18.33 -5.86 6.59
CA PRO D 135 17.49 -5.34 7.66
C PRO D 135 18.33 -5.11 8.91
N LEU D 136 18.06 -4.04 9.63
CA LEU D 136 18.63 -3.84 10.93
C LEU D 136 17.71 -4.57 11.88
N VAL D 137 18.25 -5.50 12.67
CA VAL D 137 17.38 -6.22 13.61
C VAL D 137 17.29 -5.57 14.95
N ILE D 138 16.10 -5.12 15.32
CA ILE D 138 15.97 -4.67 16.70
C ILE D 138 15.21 -5.67 17.57
N HIS D 139 15.47 -5.63 18.87
CA HIS D 139 14.78 -6.53 19.79
C HIS D 139 14.01 -5.70 20.78
N ALA D 140 12.84 -6.17 21.19
CA ALA D 140 12.03 -5.40 22.13
C ALA D 140 12.82 -4.97 23.38
N GLN D 141 13.74 -5.81 23.82
CA GLN D 141 14.46 -5.50 25.06
C GLN D 141 15.35 -4.27 24.89
N ASP D 142 15.72 -3.98 23.65
CA ASP D 142 16.60 -2.84 23.36
C ASP D 142 15.95 -1.56 23.85
N PHE D 143 14.61 -1.52 23.88
CA PHE D 143 13.91 -0.30 24.27
C PHE D 143 12.97 -0.53 25.45
N ASP D 144 13.22 -1.63 26.15
CA ASP D 144 12.44 -2.03 27.32
C ASP D 144 10.94 -2.20 26.99
N VAL D 146 9.44 -5.33 26.19
CA VAL D 146 9.09 -6.76 26.15
C VAL D 146 7.68 -6.98 26.70
N SER D 147 7.39 -6.41 27.89
CA SER D 147 6.08 -6.60 28.46
C SER D 147 4.97 -6.04 27.55
N ASP D 148 5.26 -4.95 26.84
CA ASP D 148 4.27 -4.40 25.90
C ASP D 148 4.08 -5.25 24.64
N PHE D 149 5.14 -5.90 24.14
CA PHE D 149 4.95 -6.88 23.07
C PHE D 149 4.05 -8.01 23.60
N ASN D 150 4.40 -8.53 24.77
CA ASN D 150 3.67 -9.65 25.34
C ASN D 150 2.19 -9.37 25.59
N ALA D 151 1.87 -8.11 25.88
CA ALA D 151 0.51 -7.73 26.20
C ALA D 151 -0.36 -7.70 24.94
N LEU D 152 0.30 -7.74 23.78
CA LEU D 152 -0.42 -7.75 22.51
C LEU D 152 -1.27 -9.00 22.33
N ARG D 153 -0.96 -10.03 23.08
CA ARG D 153 -1.65 -11.30 22.95
C ARG D 153 -2.79 -11.38 23.98
N ALA D 156 -5.01 -9.90 22.28
CA ALA D 156 -5.74 -10.03 21.02
C ALA D 156 -5.65 -11.44 20.44
N GLY D 157 -5.74 -12.43 21.32
CA GLY D 157 -5.82 -13.83 20.91
C GLY D 157 -4.60 -14.42 20.23
N LEU D 158 -3.56 -13.61 20.04
CA LEU D 158 -2.41 -14.10 19.33
C LEU D 158 -1.72 -15.13 20.16
N SER D 159 -1.18 -16.13 19.52
CA SER D 159 -0.53 -17.14 20.25
C SER D 159 0.82 -16.61 20.59
N ALA D 160 1.24 -15.55 19.90
CA ALA D 160 2.62 -15.08 19.98
C ALA D 160 2.96 -13.81 19.13
N VAL D 161 3.98 -13.08 19.55
CA VAL D 161 4.58 -12.01 18.75
C VAL D 161 6.08 -12.00 19.00
N SER D 162 6.87 -12.20 17.95
CA SER D 162 8.32 -12.30 18.10
C SER D 162 8.90 -11.02 18.66
N LEU D 163 9.89 -11.13 19.53
CA LEU D 163 10.49 -9.93 20.12
C LEU D 163 11.49 -9.28 19.20
N SER D 164 11.84 -9.99 18.11
CA SER D 164 12.75 -9.44 17.11
C SER D 164 11.94 -8.82 15.96
N VAL D 165 12.43 -7.67 15.49
CA VAL D 165 11.74 -6.91 14.46
C VAL D 165 12.80 -6.38 13.50
N PRO D 166 12.92 -6.98 12.34
CA PRO D 166 13.89 -6.44 11.40
C PRO D 166 13.35 -5.17 10.70
N VAL D 167 14.21 -4.17 10.55
CA VAL D 167 13.81 -2.86 10.05
C VAL D 167 14.59 -2.57 8.78
N GLY D 168 13.90 -2.11 7.74
CA GLY D 168 14.58 -1.78 6.48
C GLY D 168 14.24 -0.37 6.04
N ALA D 169 15.08 0.19 5.20
CA ALA D 169 14.84 1.56 4.78
C ALA D 169 15.31 1.80 3.37
N VAL D 170 14.54 2.60 2.64
CA VAL D 170 14.99 3.18 1.38
C VAL D 170 14.83 4.67 1.56
N LEU D 171 15.93 5.40 1.67
CA LEU D 171 15.83 6.85 1.97
C LEU D 171 16.45 7.67 0.87
N ILE D 172 15.73 8.72 0.43
CA ILE D 172 16.21 9.64 -0.57
C ILE D 172 16.50 10.99 0.09
N PHE D 173 17.73 11.50 -0.07
CA PHE D 173 18.11 12.78 0.53
C PHE D 173 18.42 13.74 -0.61
N THR D 174 18.00 14.99 -0.48
CA THR D 174 18.17 15.96 -1.55
C THR D 174 18.81 17.22 -1.02
N ALA D 175 19.78 17.75 -1.75
CA ALA D 175 20.36 19.03 -1.34
C ALA D 175 19.46 20.14 -1.83
N ARG D 176 18.74 20.74 -0.90
CA ARG D 176 17.74 21.72 -1.25
C ARG D 176 17.55 22.55 -0.01
N GLU D 177 16.67 23.55 -0.09
CA GLU D 177 16.30 24.29 1.10
C GLU D 177 15.31 23.45 1.89
N GLY D 178 15.32 23.63 3.21
CA GLY D 178 14.47 22.85 4.10
C GLY D 178 13.17 23.54 4.51
#